data_4LY1
#
_entry.id   4LY1
#
_cell.length_a   92.034
_cell.length_b   97.490
_cell.length_c   138.922
_cell.angle_alpha   90.00
_cell.angle_beta   90.00
_cell.angle_gamma   90.00
#
_symmetry.space_group_name_H-M   'P 21 21 21'
#
loop_
_entity.id
_entity.type
_entity.pdbx_description
1 polymer 'Histone deacetylase 2'
2 non-polymer 'ZINC ION'
3 non-polymer 'CALCIUM ION'
4 non-polymer 'SODIUM ION'
5 non-polymer 'TETRAETHYLENE GLYCOL'
6 non-polymer 4-(acetylamino)-N-[2-amino-5-(thiophen-2-yl)phenyl]benzamide
7 non-polymer '2-[N-CYCLOHEXYLAMINO]ETHANE SULFONIC ACID'
8 water water
#
_entity_poly.entity_id   1
_entity_poly.type   'polypeptide(L)'
_entity_poly.pdbx_seq_one_letter_code
;GKKKVCYYYDGDIGNYYYGQGHPMKPHRIRMTHNLLLNYGLYRKMEIYRPHKATAEEMTKYHSDEYIKFLRSIRPDNMSE
YSKQMQRFNVGEDCPVFDGLFEFCQLSTGGSVAGAVKLNRQQTDMAVNWAGGLHHAKKSEASGFCYVNDIVLAILELLKY
HQRVLYIDIDIHHGDGVEEAFYTTDRVMTVSFHKYGEYFPGTGDLRDIGAGKGKYYAVNFPMRDGIDDESYGQIFKPIIS
KVMEMYQPSAVVLQCGADSLSGDRLGCFNLTVKGHAKCVEVVKTFNLPLLMLGGGGYTIRNVARCWTYETAVALDCEIPN
ELPYNDYFEYFGPDFKLHISPSNMTNQNTPEYMEKIKQRLFENLRMLPH
;
_entity_poly.pdbx_strand_id   A,B,C
#
# COMPACT_ATOMS: atom_id res chain seq x y z
N GLY A 1 -34.24 -10.84 -13.50
CA GLY A 1 -34.47 -10.37 -14.86
C GLY A 1 -34.64 -8.87 -14.95
N LYS A 2 -35.45 -8.42 -15.89
CA LYS A 2 -35.74 -6.99 -16.10
C LYS A 2 -36.58 -6.45 -14.96
N LYS A 3 -36.40 -5.16 -14.62
CA LYS A 3 -37.09 -4.62 -13.45
C LYS A 3 -38.04 -3.47 -13.70
N LYS A 4 -38.98 -3.26 -12.75
CA LYS A 4 -39.91 -2.17 -12.80
C LYS A 4 -39.18 -0.92 -12.31
N VAL A 5 -39.20 0.15 -13.11
CA VAL A 5 -38.49 1.39 -12.75
C VAL A 5 -39.47 2.53 -12.69
N CYS A 6 -39.46 3.26 -11.58
CA CYS A 6 -40.27 4.48 -11.43
C CYS A 6 -39.29 5.63 -11.36
N TYR A 7 -39.57 6.68 -12.10
CA TYR A 7 -38.64 7.80 -12.25
C TYR A 7 -39.36 9.09 -11.86
N TYR A 8 -38.65 9.96 -11.09
CA TYR A 8 -39.20 11.18 -10.55
C TYR A 8 -38.61 12.41 -11.17
N TYR A 9 -39.47 13.31 -11.66
CA TYR A 9 -38.97 14.53 -12.28
C TYR A 9 -39.99 15.64 -12.23
N ASP A 10 -39.56 16.86 -11.90
CA ASP A 10 -40.44 18.03 -11.96
C ASP A 10 -39.86 19.00 -12.96
N GLY A 11 -40.64 19.32 -14.01
CA GLY A 11 -40.23 20.22 -15.11
C GLY A 11 -39.80 21.62 -14.66
N ASP A 12 -40.10 22.00 -13.43
CA ASP A 12 -39.72 23.31 -12.88
C ASP A 12 -38.26 23.34 -12.42
N ILE A 13 -37.68 22.16 -12.15
CA ILE A 13 -36.33 22.04 -11.57
C ILE A 13 -35.25 22.81 -12.28
N GLY A 14 -35.28 22.80 -13.61
CA GLY A 14 -34.25 23.43 -14.45
C GLY A 14 -34.22 24.93 -14.37
N ASN A 15 -35.27 25.53 -13.77
CA ASN A 15 -35.39 26.99 -13.66
C ASN A 15 -34.71 27.61 -12.44
N TYR A 16 -34.36 26.77 -11.43
CA TYR A 16 -33.71 27.28 -10.22
C TYR A 16 -32.29 27.64 -10.56
N TYR A 17 -31.85 28.82 -10.13
CA TYR A 17 -30.54 29.34 -10.50
C TYR A 17 -29.76 29.72 -9.26
N TYR A 18 -28.59 29.09 -9.07
CA TYR A 18 -27.76 29.36 -7.91
C TYR A 18 -27.07 30.73 -7.99
N GLY A 19 -27.04 31.33 -9.18
CA GLY A 19 -26.41 32.64 -9.33
C GLY A 19 -25.24 32.67 -10.29
N GLN A 20 -24.89 33.89 -10.78
CA GLN A 20 -23.80 34.05 -11.75
C GLN A 20 -22.48 33.38 -11.29
N GLY A 21 -21.94 32.54 -12.15
CA GLY A 21 -20.69 31.84 -11.89
C GLY A 21 -20.75 30.64 -10.95
N HIS A 22 -21.92 30.38 -10.29
CA HIS A 22 -21.97 29.22 -9.39
C HIS A 22 -21.99 27.95 -10.27
N PRO A 23 -21.13 26.97 -9.97
CA PRO A 23 -21.05 25.78 -10.84
C PRO A 23 -22.26 24.84 -10.81
N MET A 24 -23.10 24.90 -9.77
CA MET A 24 -24.26 24.01 -9.70
C MET A 24 -25.34 24.57 -10.60
N LYS A 25 -25.73 23.77 -11.60
CA LYS A 25 -26.71 24.17 -12.63
C LYS A 25 -27.88 23.19 -12.63
N PRO A 26 -28.96 23.49 -11.91
CA PRO A 26 -30.12 22.57 -11.89
C PRO A 26 -30.68 22.29 -13.29
N HIS A 27 -30.35 23.16 -14.30
CA HIS A 27 -30.69 23.00 -15.71
C HIS A 27 -30.22 21.62 -16.21
N ARG A 28 -29.08 21.11 -15.65
CA ARG A 28 -28.56 19.78 -16.02
C ARG A 28 -29.61 18.65 -15.83
N ILE A 29 -30.55 18.83 -14.86
CA ILE A 29 -31.60 17.81 -14.61
C ILE A 29 -32.60 17.80 -15.78
N ARG A 30 -32.93 19.00 -16.27
CA ARG A 30 -33.78 19.14 -17.45
C ARG A 30 -33.08 18.61 -18.70
N MET A 31 -31.75 18.84 -18.86
CA MET A 31 -31.03 18.31 -20.01
C MET A 31 -31.07 16.77 -19.98
N THR A 32 -30.85 16.20 -18.75
CA THR A 32 -30.90 14.76 -18.57
C THR A 32 -32.24 14.22 -19.02
N HIS A 33 -33.30 14.83 -18.50
CA HIS A 33 -34.66 14.40 -18.80
C HIS A 33 -34.94 14.46 -20.29
N ASN A 34 -34.66 15.62 -20.90
CA ASN A 34 -34.93 15.79 -22.32
C ASN A 34 -34.18 14.78 -23.20
N LEU A 35 -32.92 14.49 -22.81
CA LEU A 35 -32.15 13.53 -23.57
C LEU A 35 -32.77 12.14 -23.46
N LEU A 36 -33.05 11.67 -22.23
CA LEU A 36 -33.61 10.33 -22.10
C LEU A 36 -35.02 10.19 -22.71
N LEU A 37 -35.81 11.30 -22.72
CA LEU A 37 -37.13 11.27 -23.41
C LEU A 37 -36.89 11.08 -24.91
N ASN A 38 -35.88 11.78 -25.46
CA ASN A 38 -35.55 11.67 -26.88
C ASN A 38 -34.99 10.32 -27.28
N TYR A 39 -34.48 9.54 -26.31
CA TYR A 39 -34.05 8.15 -26.58
C TYR A 39 -35.26 7.19 -26.48
N GLY A 40 -36.42 7.73 -26.09
CA GLY A 40 -37.64 6.95 -25.96
C GLY A 40 -37.72 6.13 -24.69
N LEU A 41 -36.87 6.44 -23.68
CA LEU A 41 -36.87 5.70 -22.42
C LEU A 41 -38.16 5.82 -21.59
N TYR A 42 -39.02 6.84 -21.86
CA TYR A 42 -40.30 7.02 -21.19
C TYR A 42 -41.26 5.86 -21.53
N ARG A 43 -40.98 5.13 -22.62
CA ARG A 43 -41.87 4.02 -23.04
C ARG A 43 -41.76 2.82 -22.11
N LYS A 44 -40.65 2.72 -21.34
CA LYS A 44 -40.31 1.56 -20.54
C LYS A 44 -40.39 1.79 -19.04
N MET A 45 -40.74 3.01 -18.61
CA MET A 45 -40.79 3.31 -17.18
C MET A 45 -41.93 4.25 -16.83
N GLU A 46 -42.33 4.26 -15.57
CA GLU A 46 -43.38 5.15 -15.11
C GLU A 46 -42.73 6.44 -14.66
N ILE A 47 -43.21 7.56 -15.18
CA ILE A 47 -42.67 8.88 -14.87
C ILE A 47 -43.65 9.59 -13.92
N TYR A 48 -43.17 9.99 -12.75
CA TYR A 48 -43.94 10.65 -11.72
C TYR A 48 -43.37 12.03 -11.43
N ARG A 49 -44.23 12.97 -11.07
CA ARG A 49 -43.81 14.29 -10.65
C ARG A 49 -43.78 14.22 -9.13
N PRO A 50 -42.64 14.49 -8.50
CA PRO A 50 -42.62 14.42 -7.03
C PRO A 50 -43.52 15.47 -6.40
N HIS A 51 -43.99 15.20 -5.18
CA HIS A 51 -44.66 16.25 -4.42
C HIS A 51 -43.58 17.17 -3.84
N LYS A 52 -44.00 18.32 -3.35
CA LYS A 52 -43.11 19.24 -2.62
C LYS A 52 -43.05 18.76 -1.18
N ALA A 53 -41.91 18.14 -0.77
CA ALA A 53 -41.77 17.64 0.61
C ALA A 53 -42.05 18.76 1.62
N THR A 54 -42.77 18.43 2.69
CA THR A 54 -43.16 19.46 3.65
C THR A 54 -42.11 19.63 4.75
N ALA A 55 -42.32 20.61 5.62
CA ALA A 55 -41.48 20.80 6.82
C ALA A 55 -41.56 19.59 7.76
N GLU A 56 -42.73 18.91 7.86
CA GLU A 56 -42.89 17.71 8.69
C GLU A 56 -41.96 16.63 8.15
N GLU A 57 -41.92 16.49 6.81
CA GLU A 57 -41.08 15.47 6.20
C GLU A 57 -39.62 15.79 6.43
N MET A 58 -39.22 17.05 6.27
CA MET A 58 -37.79 17.42 6.40
C MET A 58 -37.29 17.32 7.84
N THR A 59 -38.16 17.60 8.83
CA THR A 59 -37.77 17.55 10.25
C THR A 59 -37.74 16.14 10.82
N LYS A 60 -37.86 15.11 9.95
CA LYS A 60 -37.64 13.74 10.38
C LYS A 60 -36.12 13.61 10.62
N TYR A 61 -35.34 14.55 10.05
CA TYR A 61 -33.87 14.59 10.25
C TYR A 61 -33.41 15.97 10.67
N HIS A 62 -33.68 16.99 9.86
CA HIS A 62 -33.21 18.33 10.10
C HIS A 62 -33.89 18.99 11.31
N SER A 63 -33.18 19.93 11.98
CA SER A 63 -33.77 20.59 13.14
C SER A 63 -34.90 21.53 12.70
N ASP A 64 -35.87 21.76 13.58
CA ASP A 64 -36.96 22.70 13.32
C ASP A 64 -36.41 24.08 12.99
N GLU A 65 -35.39 24.56 13.74
CA GLU A 65 -34.81 25.89 13.51
C GLU A 65 -34.19 26.05 12.13
N TYR A 66 -33.48 25.01 11.65
CA TYR A 66 -32.84 25.10 10.34
C TYR A 66 -33.91 25.07 9.24
N ILE A 67 -34.91 24.19 9.34
CA ILE A 67 -35.98 24.15 8.33
C ILE A 67 -36.80 25.46 8.35
N LYS A 68 -37.06 26.03 9.56
CA LYS A 68 -37.76 27.32 9.64
C LYS A 68 -36.97 28.41 8.91
N PHE A 69 -35.63 28.43 9.06
CA PHE A 69 -34.77 29.38 8.38
C PHE A 69 -34.84 29.20 6.86
N LEU A 70 -34.72 27.96 6.38
CA LEU A 70 -34.75 27.70 4.95
C LEU A 70 -36.10 28.16 4.32
N ARG A 71 -37.20 27.97 5.06
CA ARG A 71 -38.57 28.37 4.66
C ARG A 71 -38.71 29.89 4.58
N SER A 72 -37.92 30.63 5.41
CA SER A 72 -37.99 32.10 5.58
C SER A 72 -37.06 32.95 4.73
N ILE A 73 -35.82 32.48 4.52
CA ILE A 73 -34.78 33.23 3.83
C ILE A 73 -35.04 33.48 2.35
N ARG A 74 -34.89 34.72 1.91
CA ARG A 74 -35.08 35.12 0.52
C ARG A 74 -34.03 36.16 0.12
N PRO A 75 -33.70 36.35 -1.19
CA PRO A 75 -32.74 37.41 -1.55
C PRO A 75 -33.13 38.83 -1.06
N ASP A 76 -34.44 39.10 -0.91
CA ASP A 76 -34.97 40.41 -0.46
C ASP A 76 -34.84 40.69 1.03
N ASN A 77 -34.81 39.63 1.87
CA ASN A 77 -34.72 39.77 3.33
C ASN A 77 -33.39 39.32 3.94
N MET A 78 -32.45 38.90 3.07
CA MET A 78 -31.10 38.43 3.38
C MET A 78 -30.39 39.30 4.42
N SER A 79 -30.47 40.64 4.24
CA SER A 79 -29.88 41.67 5.10
C SER A 79 -30.28 41.55 6.56
N GLU A 80 -31.50 41.09 6.82
CA GLU A 80 -32.08 40.91 8.16
C GLU A 80 -31.68 39.58 8.82
N TYR A 81 -31.14 38.62 8.04
CA TYR A 81 -30.76 37.29 8.53
C TYR A 81 -29.25 37.02 8.52
N SER A 82 -28.41 38.08 8.52
CA SER A 82 -26.94 37.97 8.48
C SER A 82 -26.38 36.99 9.54
N LYS A 83 -26.92 37.01 10.75
CA LYS A 83 -26.50 36.11 11.83
C LYS A 83 -26.89 34.65 11.56
N GLN A 84 -28.16 34.42 11.19
CA GLN A 84 -28.72 33.10 10.90
C GLN A 84 -28.01 32.44 9.71
N MET A 85 -27.68 33.22 8.69
CA MET A 85 -26.96 32.76 7.50
C MET A 85 -25.59 32.16 7.88
N GLN A 86 -24.87 32.81 8.81
CA GLN A 86 -23.58 32.30 9.28
C GLN A 86 -23.78 31.02 10.08
N ARG A 87 -24.77 31.00 10.97
CA ARG A 87 -25.09 29.85 11.81
C ARG A 87 -25.36 28.59 10.97
N PHE A 88 -26.10 28.76 9.87
CA PHE A 88 -26.54 27.65 9.02
C PHE A 88 -25.71 27.42 7.77
N ASN A 89 -24.63 28.20 7.61
CA ASN A 89 -23.69 28.11 6.50
C ASN A 89 -24.36 28.40 5.16
N VAL A 90 -25.21 29.44 5.14
CA VAL A 90 -25.87 29.85 3.92
C VAL A 90 -25.38 31.24 3.53
N GLY A 91 -25.18 31.46 2.22
CA GLY A 91 -24.77 32.77 1.72
C GLY A 91 -23.60 32.84 0.78
N GLU A 92 -22.72 31.83 0.83
CA GLU A 92 -21.52 31.77 -0.03
C GLU A 92 -21.59 30.58 -1.04
N ASP A 93 -21.06 29.39 -0.69
CA ASP A 93 -21.10 28.16 -1.48
C ASP A 93 -22.56 27.68 -1.62
N CYS A 94 -23.38 27.98 -0.59
CA CYS A 94 -24.79 27.59 -0.47
C CYS A 94 -25.56 28.88 -0.47
N PRO A 95 -25.71 29.50 -1.65
CA PRO A 95 -26.32 30.85 -1.68
C PRO A 95 -27.80 30.89 -1.45
N VAL A 96 -28.28 32.11 -1.20
CA VAL A 96 -29.72 32.37 -1.12
C VAL A 96 -30.12 32.71 -2.56
N PHE A 97 -31.08 31.97 -3.10
CA PHE A 97 -31.57 32.23 -4.45
C PHE A 97 -33.09 32.14 -4.45
N ASP A 98 -33.74 32.78 -5.45
CA ASP A 98 -35.20 32.74 -5.58
C ASP A 98 -35.67 31.29 -5.65
N GLY A 99 -36.62 30.94 -4.79
CA GLY A 99 -37.23 29.61 -4.77
C GLY A 99 -36.37 28.53 -4.15
N LEU A 100 -35.34 28.93 -3.38
CA LEU A 100 -34.47 27.95 -2.69
C LEU A 100 -35.28 26.89 -1.93
N PHE A 101 -36.27 27.29 -1.11
CA PHE A 101 -37.02 26.29 -0.36
C PHE A 101 -37.77 25.32 -1.29
N GLU A 102 -38.37 25.84 -2.40
CA GLU A 102 -39.10 24.99 -3.35
C GLU A 102 -38.15 24.01 -4.04
N PHE A 103 -36.92 24.45 -4.35
CA PHE A 103 -35.91 23.57 -4.92
C PHE A 103 -35.62 22.42 -3.92
N CYS A 104 -35.49 22.76 -2.61
CA CYS A 104 -35.28 21.72 -1.56
C CYS A 104 -36.44 20.77 -1.55
N GLN A 105 -37.67 21.33 -1.63
CA GLN A 105 -38.87 20.50 -1.57
C GLN A 105 -39.00 19.53 -2.74
N LEU A 106 -38.61 19.96 -3.95
CA LEU A 106 -38.73 19.09 -5.14
C LEU A 106 -37.67 18.03 -5.16
N SER A 107 -36.42 18.43 -4.85
CA SER A 107 -35.30 17.49 -4.81
CA SER A 107 -35.33 17.47 -4.83
C SER A 107 -35.62 16.41 -3.75
N THR A 108 -36.07 16.83 -2.55
CA THR A 108 -36.40 15.90 -1.45
C THR A 108 -37.63 15.05 -1.76
N GLY A 109 -38.69 15.66 -2.29
CA GLY A 109 -39.91 14.91 -2.60
C GLY A 109 -39.66 13.71 -3.48
N GLY A 110 -38.79 13.82 -4.49
CA GLY A 110 -38.55 12.65 -5.34
C GLY A 110 -37.89 11.49 -4.60
N SER A 111 -36.95 11.81 -3.72
CA SER A 111 -36.26 10.73 -2.99
C SER A 111 -37.17 10.04 -1.99
N VAL A 112 -37.94 10.83 -1.24
CA VAL A 112 -38.88 10.27 -0.25
CA VAL A 112 -38.86 10.23 -0.26
C VAL A 112 -40.00 9.53 -0.99
N ALA A 113 -40.54 10.11 -2.10
CA ALA A 113 -41.61 9.41 -2.85
C ALA A 113 -41.06 8.07 -3.39
N GLY A 114 -39.82 8.07 -3.87
CA GLY A 114 -39.20 6.84 -4.39
C GLY A 114 -39.05 5.78 -3.30
N ALA A 115 -38.66 6.20 -2.11
CA ALA A 115 -38.53 5.29 -0.96
C ALA A 115 -39.90 4.70 -0.60
N VAL A 116 -40.95 5.54 -0.57
CA VAL A 116 -42.31 5.02 -0.27
C VAL A 116 -42.71 3.96 -1.29
N LYS A 117 -42.45 4.22 -2.58
CA LYS A 117 -42.82 3.31 -3.64
C LYS A 117 -42.10 1.95 -3.49
N LEU A 118 -40.82 2.00 -3.10
CA LEU A 118 -40.05 0.78 -2.87
C LEU A 118 -40.60 0.05 -1.63
N ASN A 119 -40.91 0.78 -0.54
CA ASN A 119 -41.50 0.19 0.71
C ASN A 119 -42.81 -0.51 0.42
N ARG A 120 -43.58 0.05 -0.51
CA ARG A 120 -44.89 -0.54 -0.84
C ARG A 120 -44.76 -1.72 -1.81
N GLN A 121 -43.52 -2.05 -2.24
CA GLN A 121 -43.23 -3.12 -3.19
C GLN A 121 -43.95 -2.88 -4.53
N GLN A 122 -44.08 -1.58 -4.90
CA GLN A 122 -44.72 -1.19 -6.15
C GLN A 122 -43.71 -0.93 -7.26
N THR A 123 -42.41 -0.98 -6.95
CA THR A 123 -41.38 -0.85 -7.97
C THR A 123 -40.14 -1.60 -7.46
N ASP A 124 -39.27 -1.95 -8.40
CA ASP A 124 -38.00 -2.59 -8.11
C ASP A 124 -36.91 -1.53 -7.93
N MET A 125 -36.99 -0.46 -8.74
CA MET A 125 -36.06 0.67 -8.71
C MET A 125 -36.82 1.98 -8.75
N ALA A 126 -36.31 2.96 -8.05
CA ALA A 126 -36.87 4.32 -8.09
C ALA A 126 -35.68 5.22 -8.39
N VAL A 127 -35.88 6.19 -9.28
CA VAL A 127 -34.81 7.05 -9.74
C VAL A 127 -35.18 8.49 -9.49
N ASN A 128 -34.27 9.25 -8.85
CA ASN A 128 -34.50 10.67 -8.64
C ASN A 128 -33.20 11.41 -8.95
N TRP A 129 -32.98 11.78 -10.20
CA TRP A 129 -31.71 12.47 -10.53
C TRP A 129 -31.56 13.86 -9.87
N ALA A 130 -32.67 14.47 -9.40
CA ALA A 130 -32.60 15.76 -8.72
C ALA A 130 -32.15 15.61 -7.26
N GLY A 131 -31.98 14.39 -6.78
CA GLY A 131 -31.60 14.12 -5.40
C GLY A 131 -30.11 13.84 -5.28
N GLY A 132 -29.74 13.26 -4.13
CA GLY A 132 -28.35 12.89 -3.86
C GLY A 132 -27.54 13.99 -3.20
N LEU A 133 -28.17 14.86 -2.39
CA LEU A 133 -27.49 16.02 -1.80
C LEU A 133 -26.82 15.58 -0.49
N HIS A 134 -25.73 14.84 -0.64
CA HIS A 134 -25.10 14.15 0.48
C HIS A 134 -24.37 14.97 1.52
N HIS A 135 -24.10 16.26 1.23
CA HIS A 135 -23.35 17.09 2.20
C HIS A 135 -24.22 17.78 3.25
N ALA A 136 -25.54 17.94 2.98
CA ALA A 136 -26.36 18.65 3.97
C ALA A 136 -26.38 17.96 5.32
N LYS A 137 -26.27 18.78 6.40
CA LYS A 137 -26.22 18.26 7.75
C LYS A 137 -27.53 18.59 8.50
N LYS A 138 -27.69 18.02 9.71
CA LYS A 138 -28.89 18.21 10.51
C LYS A 138 -29.30 19.70 10.62
N SER A 139 -28.34 20.61 10.95
CA SER A 139 -28.65 22.02 11.09
C SER A 139 -27.73 22.92 10.27
N GLU A 140 -27.27 22.44 9.10
CA GLU A 140 -26.34 23.22 8.33
C GLU A 140 -26.34 22.83 6.85
N ALA A 141 -26.29 23.83 5.96
CA ALA A 141 -26.09 23.60 4.54
C ALA A 141 -24.58 23.36 4.35
N SER A 142 -24.21 22.68 3.27
CA SER A 142 -22.79 22.44 3.00
C SER A 142 -22.64 22.00 1.56
N GLY A 143 -21.56 22.44 0.90
CA GLY A 143 -21.21 21.98 -0.44
C GLY A 143 -22.33 22.03 -1.48
N PHE A 144 -23.09 23.14 -1.49
CA PHE A 144 -24.21 23.43 -2.41
C PHE A 144 -25.51 22.73 -2.02
N CYS A 145 -25.48 21.91 -0.96
CA CYS A 145 -26.62 21.10 -0.46
C CYS A 145 -27.28 21.77 0.71
N TYR A 146 -28.62 21.74 0.78
CA TYR A 146 -29.32 22.33 1.92
C TYR A 146 -30.09 21.31 2.73
N VAL A 147 -30.87 20.43 2.06
CA VAL A 147 -31.69 19.42 2.73
C VAL A 147 -31.20 18.07 2.24
N ASN A 148 -30.92 17.18 3.19
CA ASN A 148 -30.34 15.88 2.86
C ASN A 148 -31.43 14.89 2.48
N ASP A 149 -31.83 14.93 1.19
CA ASP A 149 -32.88 14.02 0.69
C ASP A 149 -32.52 12.55 0.91
N ILE A 150 -31.22 12.23 0.93
CA ILE A 150 -30.79 10.84 1.05
C ILE A 150 -31.10 10.33 2.46
N VAL A 151 -30.72 11.11 3.48
CA VAL A 151 -30.98 10.73 4.87
C VAL A 151 -32.49 10.55 5.06
N LEU A 152 -33.26 11.50 4.54
CA LEU A 152 -34.73 11.38 4.64
C LEU A 152 -35.26 10.13 3.94
N ALA A 153 -34.74 9.81 2.74
CA ALA A 153 -35.21 8.61 2.03
C ALA A 153 -34.79 7.33 2.79
N ILE A 154 -33.59 7.32 3.40
CA ILE A 154 -33.15 6.15 4.17
C ILE A 154 -34.02 5.98 5.41
N LEU A 155 -34.36 7.09 6.09
CA LEU A 155 -35.26 7.04 7.25
C LEU A 155 -36.61 6.42 6.84
N GLU A 156 -37.07 6.74 5.61
CA GLU A 156 -38.32 6.18 5.08
C GLU A 156 -38.14 4.68 4.87
N LEU A 157 -37.04 4.25 4.24
CA LEU A 157 -36.76 2.83 4.05
C LEU A 157 -36.64 2.06 5.36
N LEU A 158 -36.09 2.70 6.41
CA LEU A 158 -35.91 2.01 7.70
C LEU A 158 -37.26 1.65 8.36
N LYS A 159 -38.37 2.21 7.88
CA LYS A 159 -39.67 1.83 8.45
C LYS A 159 -39.99 0.36 8.12
N TYR A 160 -39.46 -0.16 6.99
CA TYR A 160 -39.76 -1.53 6.51
C TYR A 160 -38.54 -2.41 6.32
N HIS A 161 -37.34 -1.83 6.43
CA HIS A 161 -36.09 -2.55 6.24
C HIS A 161 -35.18 -2.48 7.45
N GLN A 162 -34.78 -3.65 8.00
CA GLN A 162 -33.91 -3.67 9.16
C GLN A 162 -32.55 -3.06 8.82
N ARG A 163 -32.01 -3.39 7.64
CA ARG A 163 -30.68 -2.95 7.20
C ARG A 163 -30.76 -2.33 5.80
N VAL A 164 -30.23 -1.12 5.67
CA VAL A 164 -30.20 -0.40 4.40
C VAL A 164 -28.73 -0.13 4.07
N LEU A 165 -28.35 -0.39 2.82
CA LEU A 165 -26.98 -0.15 2.37
C LEU A 165 -26.98 1.14 1.55
N TYR A 166 -26.06 2.07 1.88
CA TYR A 166 -25.89 3.30 1.13
C TYR A 166 -24.54 3.22 0.41
N ILE A 167 -24.52 3.48 -0.90
CA ILE A 167 -23.28 3.44 -1.73
C ILE A 167 -23.18 4.76 -2.44
N ASP A 168 -21.98 5.36 -2.43
CA ASP A 168 -21.80 6.72 -2.91
C ASP A 168 -20.59 6.85 -3.84
N ILE A 169 -20.88 7.07 -5.14
CA ILE A 169 -19.84 7.16 -6.19
C ILE A 169 -19.58 8.60 -6.66
N ASP A 170 -20.16 9.60 -5.97
CA ASP A 170 -19.83 11.00 -6.21
C ASP A 170 -18.29 11.11 -5.95
N ILE A 171 -17.59 12.08 -6.57
CA ILE A 171 -16.16 12.24 -6.27
C ILE A 171 -15.89 12.66 -4.81
N HIS A 172 -16.88 13.31 -4.16
CA HIS A 172 -16.75 13.76 -2.79
C HIS A 172 -17.24 12.76 -1.77
N HIS A 173 -16.62 12.83 -0.57
CA HIS A 173 -17.05 11.97 0.52
C HIS A 173 -18.52 12.26 0.86
N GLY A 174 -19.30 11.20 1.06
CA GLY A 174 -20.71 11.31 1.45
C GLY A 174 -20.82 11.59 2.94
N ASP A 175 -20.33 12.74 3.38
CA ASP A 175 -20.21 13.09 4.78
C ASP A 175 -21.51 13.26 5.56
N GLY A 176 -22.50 13.94 4.96
CA GLY A 176 -23.75 14.15 5.68
C GLY A 176 -24.49 12.85 5.95
N VAL A 177 -24.46 11.94 4.98
CA VAL A 177 -25.11 10.64 5.12
C VAL A 177 -24.36 9.79 6.14
N GLU A 178 -23.02 9.77 6.04
CA GLU A 178 -22.22 8.98 6.98
C GLU A 178 -22.44 9.50 8.39
N GLU A 179 -22.42 10.84 8.59
CA GLU A 179 -22.61 11.46 9.90
C GLU A 179 -23.96 11.06 10.50
N ALA A 180 -25.05 11.20 9.72
CA ALA A 180 -26.39 10.87 10.23
C ALA A 180 -26.50 9.47 10.81
N PHE A 181 -25.82 8.50 10.17
CA PHE A 181 -25.92 7.09 10.53
C PHE A 181 -24.66 6.52 11.17
N TYR A 182 -23.76 7.39 11.63
CA TYR A 182 -22.46 6.98 12.14
C TYR A 182 -22.50 6.04 13.31
N THR A 183 -23.53 6.15 14.16
CA THR A 183 -23.61 5.33 15.38
C THR A 183 -24.68 4.23 15.31
N THR A 184 -25.15 3.91 14.09
CA THR A 184 -26.08 2.81 13.94
C THR A 184 -25.58 1.74 12.98
N ASP A 185 -25.99 0.49 13.21
CA ASP A 185 -25.71 -0.63 12.34
C ASP A 185 -26.87 -0.88 11.38
N ARG A 186 -27.96 -0.08 11.49
CA ARG A 186 -29.12 -0.23 10.60
C ARG A 186 -28.88 0.38 9.24
N VAL A 187 -27.81 1.17 9.09
CA VAL A 187 -27.44 1.69 7.77
C VAL A 187 -25.93 1.52 7.66
N MET A 188 -25.48 0.88 6.59
CA MET A 188 -24.04 0.83 6.32
C MET A 188 -23.80 1.85 5.23
N THR A 189 -22.82 2.74 5.40
CA THR A 189 -22.53 3.77 4.38
C THR A 189 -21.20 3.43 3.74
N VAL A 190 -21.14 3.40 2.39
CA VAL A 190 -19.93 3.05 1.67
C VAL A 190 -19.64 4.16 0.67
N SER A 191 -18.56 4.92 0.89
CA SER A 191 -18.26 6.04 0.01
C SER A 191 -16.89 5.85 -0.63
N PHE A 192 -16.81 6.06 -1.96
CA PHE A 192 -15.54 6.01 -2.74
C PHE A 192 -15.34 7.47 -3.14
N HIS A 193 -14.17 8.06 -2.82
CA HIS A 193 -14.05 9.49 -3.06
C HIS A 193 -12.60 9.92 -3.10
N LYS A 194 -12.37 11.09 -3.73
CA LYS A 194 -11.05 11.70 -3.72
C LYS A 194 -10.78 12.14 -2.29
N TYR A 195 -9.58 11.86 -1.79
CA TYR A 195 -9.27 12.21 -0.40
C TYR A 195 -7.84 12.77 -0.37
N GLY A 196 -7.68 13.86 0.35
CA GLY A 196 -6.38 14.51 0.54
C GLY A 196 -6.50 15.98 0.24
N GLU A 197 -6.68 16.79 1.30
CA GLU A 197 -6.92 18.25 1.22
C GLU A 197 -7.99 18.56 0.15
N TYR A 198 -9.08 17.80 0.17
CA TYR A 198 -10.12 17.95 -0.84
C TYR A 198 -11.42 18.09 -0.09
N PHE A 199 -12.38 18.78 -0.67
CA PHE A 199 -13.67 18.92 -0.04
C PHE A 199 -14.37 17.56 0.15
N PRO A 200 -15.07 17.31 1.28
CA PRO A 200 -15.23 18.14 2.49
C PRO A 200 -14.15 17.96 3.56
N GLY A 201 -13.16 17.11 3.27
CA GLY A 201 -12.03 16.88 4.18
C GLY A 201 -12.12 15.65 5.05
N THR A 202 -13.24 14.93 4.97
CA THR A 202 -13.51 13.72 5.74
C THR A 202 -13.46 12.48 4.83
N GLY A 203 -13.71 11.31 5.40
CA GLY A 203 -13.68 10.07 4.63
C GLY A 203 -12.34 9.37 4.59
N ASP A 204 -11.58 9.47 5.69
CA ASP A 204 -10.32 8.72 5.79
C ASP A 204 -10.73 7.24 5.90
N LEU A 205 -9.91 6.29 5.39
CA LEU A 205 -10.33 4.88 5.54
C LEU A 205 -10.37 4.44 7.00
N ARG A 206 -9.72 5.19 7.91
CA ARG A 206 -9.74 4.86 9.34
C ARG A 206 -11.03 5.34 10.01
N ASP A 207 -11.93 6.03 9.27
CA ASP A 207 -13.21 6.43 9.85
C ASP A 207 -14.17 5.28 9.53
N ILE A 208 -14.48 4.48 10.57
CA ILE A 208 -15.22 3.25 10.40
C ILE A 208 -16.55 3.21 11.16
N GLY A 209 -16.95 4.31 11.78
CA GLY A 209 -18.18 4.33 12.57
C GLY A 209 -17.87 4.34 14.05
N ALA A 210 -18.89 4.47 14.89
CA ALA A 210 -18.69 4.53 16.34
C ALA A 210 -19.84 3.82 17.05
N GLY A 211 -19.60 3.32 18.27
CA GLY A 211 -20.61 2.62 19.05
C GLY A 211 -21.19 1.43 18.31
N LYS A 212 -22.55 1.34 18.26
CA LYS A 212 -23.22 0.26 17.54
C LYS A 212 -22.87 0.30 16.03
N GLY A 213 -22.50 1.48 15.55
CA GLY A 213 -22.16 1.69 14.15
C GLY A 213 -20.70 1.42 13.83
N LYS A 214 -19.90 1.00 14.82
CA LYS A 214 -18.49 0.68 14.52
C LYS A 214 -18.43 -0.48 13.53
N TYR A 215 -17.74 -0.27 12.39
CA TYR A 215 -17.57 -1.18 11.24
C TYR A 215 -18.70 -1.01 10.20
N TYR A 216 -19.61 -0.06 10.45
CA TYR A 216 -20.73 0.18 9.52
C TYR A 216 -20.58 1.47 8.71
N ALA A 217 -19.37 2.00 8.66
CA ALA A 217 -19.06 3.13 7.77
C ALA A 217 -17.79 2.68 7.07
N VAL A 218 -17.81 2.73 5.74
CA VAL A 218 -16.71 2.28 4.91
C VAL A 218 -16.30 3.39 4.00
N ASN A 219 -14.99 3.71 3.98
CA ASN A 219 -14.46 4.80 3.16
C ASN A 219 -13.33 4.33 2.35
N PHE A 220 -13.37 4.59 1.02
CA PHE A 220 -12.30 4.20 0.10
C PHE A 220 -11.69 5.49 -0.45
N PRO A 221 -10.59 5.99 0.19
CA PRO A 221 -9.93 7.23 -0.26
C PRO A 221 -9.12 6.98 -1.53
N MET A 222 -9.25 7.90 -2.51
CA MET A 222 -8.61 7.81 -3.82
C MET A 222 -7.84 9.07 -4.16
N ARG A 223 -6.89 8.94 -5.09
CA ARG A 223 -6.12 10.08 -5.55
C ARG A 223 -6.65 10.56 -6.88
N ASP A 224 -6.09 11.68 -7.38
CA ASP A 224 -6.46 12.19 -8.70
C ASP A 224 -6.32 11.17 -9.78
N GLY A 225 -7.16 11.29 -10.80
CA GLY A 225 -7.01 10.57 -12.06
C GLY A 225 -7.43 9.14 -12.14
N ILE A 226 -8.24 8.68 -11.18
CA ILE A 226 -8.69 7.30 -11.26
C ILE A 226 -9.43 7.03 -12.57
N ASP A 227 -9.18 5.87 -13.18
CA ASP A 227 -9.78 5.47 -14.45
C ASP A 227 -10.71 4.28 -14.30
N ASP A 228 -11.38 3.90 -15.41
CA ASP A 228 -12.34 2.81 -15.40
C ASP A 228 -11.73 1.52 -14.89
N GLU A 229 -10.51 1.23 -15.34
CA GLU A 229 -9.75 0.04 -14.95
C GLU A 229 -9.56 -0.03 -13.44
N SER A 230 -9.03 1.03 -12.85
CA SER A 230 -8.74 1.08 -11.40
C SER A 230 -10.01 0.99 -10.58
N TYR A 231 -11.05 1.73 -11.00
CA TYR A 231 -12.32 1.71 -10.27
C TYR A 231 -12.96 0.33 -10.34
N GLY A 232 -12.92 -0.28 -11.52
CA GLY A 232 -13.43 -1.61 -11.77
C GLY A 232 -12.64 -2.67 -11.02
N GLN A 233 -11.37 -2.41 -10.67
CA GLN A 233 -10.48 -3.30 -9.89
C GLN A 233 -11.14 -3.58 -8.53
N ILE A 234 -11.76 -2.55 -7.92
CA ILE A 234 -12.21 -2.60 -6.56
C ILE A 234 -13.70 -2.50 -6.27
N PHE A 235 -14.50 -1.95 -7.17
CA PHE A 235 -15.90 -1.73 -6.83
C PHE A 235 -16.69 -3.02 -6.64
N LYS A 236 -16.71 -3.91 -7.64
CA LYS A 236 -17.46 -5.20 -7.52
C LYS A 236 -16.93 -6.02 -6.30
N PRO A 237 -15.60 -6.20 -6.11
CA PRO A 237 -15.14 -6.94 -4.90
C PRO A 237 -15.62 -6.33 -3.58
N ILE A 238 -15.56 -4.99 -3.42
CA ILE A 238 -16.00 -4.32 -2.19
CA ILE A 238 -16.01 -4.37 -2.17
C ILE A 238 -17.50 -4.49 -2.00
N ILE A 239 -18.29 -4.18 -3.04
CA ILE A 239 -19.74 -4.29 -2.92
C ILE A 239 -20.17 -5.73 -2.69
N SER A 240 -19.53 -6.67 -3.38
CA SER A 240 -19.84 -8.10 -3.16
C SER A 240 -19.58 -8.54 -1.72
N LYS A 241 -18.45 -8.10 -1.14
CA LYS A 241 -18.13 -8.44 0.26
C LYS A 241 -19.09 -7.76 1.22
N VAL A 242 -19.44 -6.49 0.93
CA VAL A 242 -20.37 -5.77 1.76
C VAL A 242 -21.74 -6.47 1.73
N MET A 243 -22.20 -6.87 0.54
CA MET A 243 -23.48 -7.58 0.40
C MET A 243 -23.47 -8.88 1.20
N GLU A 244 -22.36 -9.63 1.09
CA GLU A 244 -22.19 -10.91 1.79
C GLU A 244 -22.26 -10.74 3.31
N MET A 245 -21.50 -9.78 3.85
CA MET A 245 -21.40 -9.58 5.28
C MET A 245 -22.60 -8.87 5.88
N TYR A 246 -23.07 -7.81 5.20
CA TYR A 246 -24.14 -6.97 5.72
C TYR A 246 -25.56 -7.45 5.40
N GLN A 247 -25.76 -8.14 4.27
CA GLN A 247 -27.08 -8.68 3.88
C GLN A 247 -28.21 -7.61 4.01
N PRO A 248 -28.05 -6.46 3.32
CA PRO A 248 -29.10 -5.44 3.40
C PRO A 248 -30.37 -5.91 2.69
N SER A 249 -31.54 -5.29 3.03
CA SER A 249 -32.74 -5.61 2.28
C SER A 249 -33.15 -4.47 1.31
N ALA A 250 -32.43 -3.33 1.35
CA ALA A 250 -32.67 -2.24 0.39
C ALA A 250 -31.39 -1.51 0.18
N VAL A 251 -31.25 -0.83 -0.98
CA VAL A 251 -30.00 -0.13 -1.29
C VAL A 251 -30.31 1.25 -1.80
N VAL A 252 -29.45 2.22 -1.48
CA VAL A 252 -29.56 3.58 -1.98
C VAL A 252 -28.22 3.84 -2.65
N LEU A 253 -28.26 4.20 -3.93
CA LEU A 253 -27.03 4.44 -4.69
C LEU A 253 -26.98 5.87 -5.14
N GLN A 254 -26.00 6.65 -4.63
CA GLN A 254 -25.82 8.05 -5.00
C GLN A 254 -24.86 8.02 -6.20
N CYS A 255 -25.31 8.54 -7.35
CA CYS A 255 -24.61 8.45 -8.63
C CYS A 255 -23.98 9.78 -9.05
N GLY A 256 -23.43 10.51 -8.10
CA GLY A 256 -22.81 11.81 -8.39
C GLY A 256 -21.88 11.70 -9.59
N ALA A 257 -22.09 12.56 -10.60
CA ALA A 257 -21.39 12.52 -11.89
C ALA A 257 -20.14 13.41 -11.92
N ASP A 258 -19.76 13.96 -10.75
CA ASP A 258 -18.53 14.77 -10.65
C ASP A 258 -17.28 13.88 -10.61
N SER A 259 -17.48 12.55 -10.58
CA SER A 259 -16.40 11.57 -10.69
C SER A 259 -16.05 11.23 -12.18
N LEU A 260 -16.71 11.88 -13.16
CA LEU A 260 -16.40 11.66 -14.57
C LEU A 260 -15.22 12.48 -15.02
N SER A 261 -14.52 11.92 -16.00
CA SER A 261 -13.45 12.61 -16.75
C SER A 261 -14.02 13.95 -17.26
N GLY A 262 -13.19 14.99 -17.20
CA GLY A 262 -13.59 16.28 -17.75
C GLY A 262 -14.54 17.09 -16.90
N ASP A 263 -14.82 16.66 -15.65
CA ASP A 263 -15.67 17.44 -14.79
C ASP A 263 -15.02 18.79 -14.45
N ARG A 264 -15.80 19.86 -14.48
CA ARG A 264 -15.28 21.20 -14.21
C ARG A 264 -14.63 21.34 -12.83
N LEU A 265 -15.14 20.61 -11.82
CA LEU A 265 -14.61 20.69 -10.47
C LEU A 265 -13.77 19.48 -10.10
N GLY A 266 -14.18 18.31 -10.54
CA GLY A 266 -13.56 17.04 -10.21
C GLY A 266 -12.24 16.76 -10.88
N CYS A 267 -11.51 15.78 -10.35
CA CYS A 267 -10.18 15.41 -10.80
C CYS A 267 -10.06 13.90 -11.08
N PHE A 268 -11.18 13.22 -11.35
CA PHE A 268 -11.17 11.81 -11.72
C PHE A 268 -11.21 11.66 -13.24
N ASN A 269 -11.08 10.41 -13.72
CA ASN A 269 -11.01 10.12 -15.15
C ASN A 269 -11.89 8.93 -15.60
N LEU A 270 -13.08 8.80 -14.99
CA LEU A 270 -14.02 7.75 -15.36
C LEU A 270 -14.80 8.13 -16.62
N THR A 271 -15.15 7.15 -17.43
CA THR A 271 -16.06 7.38 -18.56
C THR A 271 -17.48 7.14 -18.05
N VAL A 272 -18.48 7.40 -18.90
CA VAL A 272 -19.86 7.11 -18.53
C VAL A 272 -20.01 5.57 -18.38
N LYS A 273 -19.34 4.77 -19.24
CA LYS A 273 -19.39 3.30 -19.09
C LYS A 273 -18.79 2.85 -17.75
N GLY A 274 -17.67 3.44 -17.35
CA GLY A 274 -17.02 3.09 -16.09
C GLY A 274 -17.87 3.45 -14.89
N HIS A 275 -18.55 4.61 -14.98
CA HIS A 275 -19.39 5.06 -13.88
C HIS A 275 -20.63 4.15 -13.83
N ALA A 276 -21.25 3.88 -15.00
CA ALA A 276 -22.45 3.06 -15.09
C ALA A 276 -22.22 1.60 -14.71
N LYS A 277 -20.96 1.12 -14.78
CA LYS A 277 -20.63 -0.25 -14.36
C LYS A 277 -21.02 -0.42 -12.90
N CYS A 278 -20.95 0.69 -12.11
CA CYS A 278 -21.35 0.65 -10.71
C CYS A 278 -22.80 0.35 -10.55
N VAL A 279 -23.64 0.98 -11.40
CA VAL A 279 -25.08 0.73 -11.37
C VAL A 279 -25.34 -0.75 -11.75
N GLU A 280 -24.66 -1.25 -12.82
CA GLU A 280 -24.81 -2.65 -13.24
C GLU A 280 -24.46 -3.58 -12.09
N VAL A 281 -23.36 -3.30 -11.37
CA VAL A 281 -22.93 -4.18 -10.26
C VAL A 281 -23.99 -4.23 -9.17
N VAL A 282 -24.48 -3.05 -8.77
CA VAL A 282 -25.45 -2.97 -7.69
C VAL A 282 -26.78 -3.62 -8.11
N LYS A 283 -27.22 -3.38 -9.35
CA LYS A 283 -28.49 -3.93 -9.89
C LYS A 283 -28.52 -5.44 -9.87
N THR A 284 -27.35 -6.09 -10.05
CA THR A 284 -27.21 -7.53 -10.08
C THR A 284 -27.67 -8.23 -8.76
N PHE A 285 -27.58 -7.54 -7.59
CA PHE A 285 -28.01 -8.10 -6.30
C PHE A 285 -29.52 -8.27 -6.13
N ASN A 286 -30.31 -7.71 -7.08
CA ASN A 286 -31.78 -7.84 -7.11
CA ASN A 286 -31.77 -7.83 -7.11
C ASN A 286 -32.46 -7.37 -5.81
N LEU A 287 -32.02 -6.24 -5.27
CA LEU A 287 -32.62 -5.70 -4.06
C LEU A 287 -33.34 -4.40 -4.43
N PRO A 288 -34.39 -4.02 -3.66
CA PRO A 288 -35.05 -2.71 -3.89
C PRO A 288 -33.97 -1.64 -3.91
N LEU A 289 -33.96 -0.82 -4.95
CA LEU A 289 -32.87 0.14 -5.13
C LEU A 289 -33.38 1.53 -5.43
N LEU A 290 -32.86 2.51 -4.71
CA LEU A 290 -33.18 3.92 -4.95
C LEU A 290 -31.92 4.51 -5.58
N MET A 291 -32.01 4.99 -6.83
CA MET A 291 -30.87 5.61 -7.54
C MET A 291 -31.05 7.12 -7.51
N LEU A 292 -30.02 7.82 -7.04
CA LEU A 292 -30.06 9.27 -6.88
C LEU A 292 -28.95 9.94 -7.64
N GLY A 293 -29.14 11.24 -7.93
CA GLY A 293 -28.14 12.05 -8.60
C GLY A 293 -27.06 12.47 -7.61
N GLY A 294 -26.49 13.65 -7.81
CA GLY A 294 -25.42 14.14 -6.94
C GLY A 294 -24.70 15.25 -7.68
N GLY A 295 -23.39 15.36 -7.48
CA GLY A 295 -22.61 16.41 -8.12
C GLY A 295 -22.49 16.19 -9.62
N GLY A 296 -21.76 17.07 -10.30
CA GLY A 296 -21.59 16.96 -11.75
C GLY A 296 -21.71 18.35 -12.34
N TYR A 297 -20.58 18.83 -12.90
CA TYR A 297 -20.38 20.22 -13.29
C TYR A 297 -20.08 20.46 -14.75
N THR A 298 -19.83 19.39 -15.54
CA THR A 298 -19.70 19.51 -17.00
C THR A 298 -21.04 18.94 -17.44
N ILE A 299 -22.03 19.84 -17.60
CA ILE A 299 -23.42 19.45 -17.72
C ILE A 299 -23.77 18.53 -18.86
N ARG A 300 -23.07 18.68 -20.00
CA ARG A 300 -23.26 17.76 -21.10
C ARG A 300 -22.95 16.32 -20.67
N ASN A 301 -21.89 16.12 -19.85
CA ASN A 301 -21.51 14.78 -19.40
C ASN A 301 -22.43 14.24 -18.33
N VAL A 302 -22.99 15.12 -17.49
CA VAL A 302 -23.97 14.71 -16.46
C VAL A 302 -25.21 14.16 -17.19
N ALA A 303 -25.66 14.88 -18.23
CA ALA A 303 -26.86 14.43 -18.97
C ALA A 303 -26.61 13.08 -19.64
N ARG A 304 -25.42 12.90 -20.24
CA ARG A 304 -25.05 11.61 -20.86
C ARG A 304 -25.05 10.52 -19.79
N CYS A 305 -24.40 10.79 -18.66
CA CYS A 305 -24.22 9.80 -17.59
C CYS A 305 -25.56 9.27 -17.06
N TRP A 306 -26.44 10.19 -16.64
CA TRP A 306 -27.71 9.82 -16.03
C TRP A 306 -28.70 9.26 -17.07
N THR A 307 -28.58 9.71 -18.33
CA THR A 307 -29.37 9.07 -19.38
C THR A 307 -28.93 7.59 -19.52
N TYR A 308 -27.61 7.38 -19.64
CA TYR A 308 -27.12 6.01 -19.80
C TYR A 308 -27.45 5.15 -18.57
N GLU A 309 -27.35 5.72 -17.36
CA GLU A 309 -27.65 4.91 -16.16
C GLU A 309 -29.15 4.61 -16.04
N THR A 310 -30.03 5.49 -16.63
CA THR A 310 -31.47 5.19 -16.67
C THR A 310 -31.66 3.99 -17.62
N ALA A 311 -30.96 4.00 -18.76
CA ALA A 311 -31.01 2.90 -19.74
C ALA A 311 -30.51 1.59 -19.09
N VAL A 312 -29.44 1.67 -18.29
CA VAL A 312 -28.92 0.50 -17.55
C VAL A 312 -29.99 -0.03 -16.57
N ALA A 313 -30.61 0.88 -15.78
CA ALA A 313 -31.65 0.47 -14.84
C ALA A 313 -32.76 -0.30 -15.59
N LEU A 314 -33.03 0.10 -16.84
CA LEU A 314 -34.11 -0.51 -17.63
C LEU A 314 -33.67 -1.72 -18.43
N ASP A 315 -32.37 -2.06 -18.40
CA ASP A 315 -31.79 -3.12 -19.24
C ASP A 315 -32.12 -2.84 -20.71
N CYS A 316 -32.02 -1.55 -21.08
CA CYS A 316 -32.38 -1.08 -22.41
C CYS A 316 -31.14 -0.58 -23.13
N GLU A 317 -30.78 -1.23 -24.26
CA GLU A 317 -29.64 -0.82 -25.04
C GLU A 317 -30.01 0.41 -25.86
N ILE A 318 -29.17 1.46 -25.78
CA ILE A 318 -29.41 2.69 -26.54
C ILE A 318 -28.21 3.02 -27.45
N PRO A 319 -28.46 3.59 -28.63
CA PRO A 319 -27.36 3.89 -29.56
C PRO A 319 -26.42 4.97 -29.06
N ASN A 320 -25.16 4.91 -29.50
CA ASN A 320 -24.15 5.89 -29.13
C ASN A 320 -24.42 7.19 -29.86
N GLU A 321 -25.04 7.13 -31.05
CA GLU A 321 -25.36 8.36 -31.79
C GLU A 321 -26.50 9.05 -31.02
N LEU A 322 -26.26 10.30 -30.58
CA LEU A 322 -27.28 11.00 -29.80
C LEU A 322 -28.49 11.34 -30.64
N PRO A 323 -29.70 11.11 -30.13
CA PRO A 323 -30.89 11.57 -30.87
C PRO A 323 -30.97 13.10 -30.76
N TYR A 324 -31.66 13.75 -31.72
CA TYR A 324 -31.87 15.19 -31.61
C TYR A 324 -32.64 15.47 -30.29
N ASN A 325 -32.41 16.65 -29.72
CA ASN A 325 -33.01 17.06 -28.46
C ASN A 325 -32.87 18.57 -28.30
N ASP A 326 -33.51 19.12 -27.26
CA ASP A 326 -33.54 20.58 -27.06
C ASP A 326 -32.19 21.20 -26.74
N TYR A 327 -31.20 20.35 -26.41
CA TYR A 327 -29.87 20.79 -25.97
C TYR A 327 -28.81 20.18 -26.82
N PHE A 328 -29.17 19.79 -28.06
CA PHE A 328 -28.28 19.08 -28.97
C PHE A 328 -26.89 19.71 -29.13
N GLU A 329 -26.82 21.06 -29.19
CA GLU A 329 -25.55 21.75 -29.37
C GLU A 329 -24.59 21.56 -28.18
N TYR A 330 -25.14 21.24 -27.01
CA TYR A 330 -24.30 21.04 -25.80
C TYR A 330 -23.40 19.84 -25.94
N PHE A 331 -23.78 18.90 -26.81
CA PHE A 331 -23.07 17.62 -26.99
C PHE A 331 -22.07 17.58 -28.11
N GLY A 332 -21.81 18.74 -28.72
CA GLY A 332 -20.78 18.81 -29.73
C GLY A 332 -19.40 18.68 -29.09
N PRO A 333 -18.36 18.48 -29.89
CA PRO A 333 -18.39 18.39 -31.37
C PRO A 333 -18.72 17.01 -31.90
N ASP A 334 -18.84 16.01 -31.01
CA ASP A 334 -19.04 14.61 -31.40
C ASP A 334 -20.48 14.17 -31.52
N PHE A 335 -21.36 14.69 -30.65
CA PHE A 335 -22.79 14.31 -30.62
C PHE A 335 -22.99 12.83 -30.35
N LYS A 336 -22.10 12.26 -29.49
CA LYS A 336 -22.18 10.85 -29.07
C LYS A 336 -22.51 10.79 -27.59
N LEU A 337 -23.05 9.66 -27.16
CA LEU A 337 -23.45 9.47 -25.76
C LEU A 337 -22.21 9.21 -24.89
N HIS A 338 -21.32 8.32 -25.37
CA HIS A 338 -20.16 7.93 -24.58
C HIS A 338 -18.98 8.87 -24.68
N ILE A 339 -18.18 8.93 -23.62
CA ILE A 339 -17.08 9.90 -23.57
C ILE A 339 -15.75 9.16 -23.50
N SER A 340 -14.68 9.86 -23.88
CA SER A 340 -13.33 9.31 -23.81
C SER A 340 -12.65 9.80 -22.55
N PRO A 341 -11.77 8.99 -21.94
CA PRO A 341 -11.00 9.52 -20.81
C PRO A 341 -9.92 10.47 -21.32
N SER A 342 -9.40 11.33 -20.45
CA SER A 342 -8.34 12.27 -20.80
C SER A 342 -6.98 11.57 -20.60
N ASN A 343 -5.86 12.27 -20.92
CA ASN A 343 -4.50 11.73 -20.77
C ASN A 343 -3.90 12.05 -19.37
N MET A 344 -4.76 12.50 -18.42
CA MET A 344 -4.32 12.81 -17.07
C MET A 344 -3.72 11.60 -16.39
N THR A 345 -2.69 11.84 -15.58
CA THR A 345 -2.05 10.76 -14.87
C THR A 345 -2.98 10.23 -13.77
N ASN A 346 -3.04 8.92 -13.69
CA ASN A 346 -3.75 8.20 -12.65
C ASN A 346 -2.75 8.04 -11.50
N GLN A 347 -2.98 8.77 -10.43
CA GLN A 347 -2.10 8.75 -9.24
CA GLN A 347 -2.09 8.74 -9.25
C GLN A 347 -2.38 7.51 -8.37
N ASN A 348 -3.46 6.78 -8.67
CA ASN A 348 -3.88 5.55 -7.95
C ASN A 348 -3.20 4.32 -8.57
N THR A 349 -2.11 3.89 -7.97
CA THR A 349 -1.45 2.73 -8.54
C THR A 349 -2.26 1.47 -8.32
N PRO A 350 -2.08 0.42 -9.13
CA PRO A 350 -2.79 -0.84 -8.89
C PRO A 350 -2.50 -1.40 -7.50
N GLU A 351 -1.25 -1.20 -6.99
CA GLU A 351 -0.90 -1.67 -5.65
C GLU A 351 -1.67 -0.92 -4.60
N TYR A 352 -1.80 0.42 -4.78
CA TYR A 352 -2.54 1.23 -3.83
C TYR A 352 -3.99 0.75 -3.80
N MET A 353 -4.60 0.55 -5.00
CA MET A 353 -6.00 0.09 -5.03
C MET A 353 -6.19 -1.21 -4.27
N GLU A 354 -5.31 -2.19 -4.51
CA GLU A 354 -5.42 -3.48 -3.84
C GLU A 354 -5.17 -3.38 -2.36
N LYS A 355 -4.24 -2.51 -1.94
CA LYS A 355 -3.91 -2.38 -0.52
C LYS A 355 -5.07 -1.78 0.26
N ILE A 356 -5.68 -0.70 -0.27
CA ILE A 356 -6.83 -0.10 0.41
C ILE A 356 -7.97 -1.11 0.47
N LYS A 357 -8.19 -1.86 -0.63
CA LYS A 357 -9.24 -2.88 -0.68
C LYS A 357 -9.01 -3.92 0.44
N GLN A 358 -7.75 -4.38 0.59
CA GLN A 358 -7.40 -5.36 1.62
C GLN A 358 -7.65 -4.82 3.03
N ARG A 359 -7.32 -3.53 3.28
CA ARG A 359 -7.58 -2.90 4.58
C ARG A 359 -9.09 -2.84 4.86
N LEU A 360 -9.88 -2.52 3.81
CA LEU A 360 -11.34 -2.50 4.00
C LEU A 360 -11.90 -3.89 4.23
N PHE A 361 -11.38 -4.93 3.54
CA PHE A 361 -11.77 -6.33 3.77
C PHE A 361 -11.51 -6.75 5.22
N GLU A 362 -10.39 -6.28 5.83
CA GLU A 362 -10.10 -6.58 7.25
C GLU A 362 -11.22 -6.07 8.16
N ASN A 363 -11.74 -4.87 7.86
CA ASN A 363 -12.81 -4.26 8.64
C ASN A 363 -14.11 -5.01 8.43
N LEU A 364 -14.37 -5.46 7.21
CA LEU A 364 -15.61 -6.18 6.91
C LEU A 364 -15.66 -7.56 7.60
N ARG A 365 -14.48 -8.11 8.00
CA ARG A 365 -14.43 -9.37 8.74
C ARG A 365 -15.00 -9.23 10.15
N MET A 366 -15.08 -7.99 10.64
CA MET A 366 -15.55 -7.64 11.97
C MET A 366 -17.06 -7.60 12.13
N LEU A 367 -17.81 -7.78 11.03
CA LEU A 367 -19.27 -7.82 11.08
C LEU A 367 -19.72 -9.22 11.57
N PRO A 368 -20.95 -9.37 12.16
CA PRO A 368 -21.38 -10.71 12.62
C PRO A 368 -21.56 -11.73 11.49
N LYS B 2 12.39 9.10 30.17
CA LYS B 2 13.03 9.07 28.86
C LYS B 2 13.65 10.43 28.48
N LYS B 3 14.61 10.40 27.56
CA LYS B 3 15.26 11.60 27.03
C LYS B 3 14.23 12.38 26.20
N LYS B 4 14.25 13.72 26.33
CA LYS B 4 13.34 14.65 25.68
C LYS B 4 13.77 14.91 24.21
N VAL B 5 12.78 14.95 23.29
CA VAL B 5 13.04 15.19 21.87
C VAL B 5 12.23 16.37 21.35
N CYS B 6 12.90 17.35 20.71
CA CYS B 6 12.18 18.42 20.05
C CYS B 6 12.46 18.28 18.56
N TYR B 7 11.56 18.76 17.75
CA TYR B 7 11.62 18.52 16.32
C TYR B 7 11.12 19.75 15.60
N TYR B 8 11.80 20.12 14.51
CA TYR B 8 11.45 21.33 13.76
C TYR B 8 10.89 21.06 12.39
N TYR B 9 9.81 21.75 12.05
CA TYR B 9 9.21 21.56 10.73
C TYR B 9 8.36 22.75 10.38
N ASP B 10 8.52 23.28 9.15
CA ASP B 10 7.66 24.35 8.70
C ASP B 10 6.85 23.75 7.54
N GLY B 11 5.53 23.88 7.62
CA GLY B 11 4.62 23.35 6.62
C GLY B 11 4.85 23.82 5.21
N ASP B 12 5.60 24.91 5.00
CA ASP B 12 5.86 25.37 3.65
C ASP B 12 7.08 24.74 3.02
N ILE B 13 7.89 24.02 3.84
CA ILE B 13 9.17 23.46 3.33
C ILE B 13 9.03 22.62 2.07
N GLY B 14 7.97 21.82 2.00
CA GLY B 14 7.71 20.93 0.87
C GLY B 14 7.35 21.65 -0.43
N ASN B 15 7.04 22.96 -0.36
CA ASN B 15 6.60 23.72 -1.55
C ASN B 15 7.75 24.35 -2.35
N TYR B 16 8.98 24.34 -1.79
CA TYR B 16 10.13 24.91 -2.52
C TYR B 16 10.55 23.90 -3.57
N TYR B 17 10.75 24.37 -4.79
CA TYR B 17 10.99 23.48 -5.91
C TYR B 17 12.23 23.86 -6.66
N TYR B 18 13.18 22.92 -6.72
CA TYR B 18 14.46 23.14 -7.40
C TYR B 18 14.35 23.24 -8.93
N GLY B 19 13.21 22.84 -9.48
CA GLY B 19 13.02 22.88 -10.94
C GLY B 19 12.90 21.51 -11.56
N GLN B 20 12.30 21.48 -12.77
CA GLN B 20 12.10 20.23 -13.51
C GLN B 20 13.39 19.43 -13.68
N GLY B 21 13.32 18.17 -13.27
CA GLY B 21 14.44 17.24 -13.39
C GLY B 21 15.49 17.30 -12.28
N HIS B 22 15.44 18.34 -11.41
CA HIS B 22 16.46 18.43 -10.34
C HIS B 22 16.18 17.34 -9.29
N PRO B 23 17.18 16.52 -8.94
CA PRO B 23 16.90 15.40 -8.03
C PRO B 23 16.54 15.81 -6.59
N MET B 24 16.91 17.04 -6.17
CA MET B 24 16.60 17.47 -4.81
C MET B 24 15.15 17.89 -4.72
N LYS B 25 14.40 17.17 -3.87
CA LYS B 25 12.96 17.36 -3.72
C LYS B 25 12.59 17.70 -2.28
N PRO B 26 12.45 18.99 -1.93
CA PRO B 26 12.05 19.35 -0.56
C PRO B 26 10.73 18.71 -0.12
N HIS B 27 9.85 18.31 -1.09
CA HIS B 27 8.62 17.58 -0.79
C HIS B 27 8.91 16.34 0.09
N ARG B 28 10.13 15.74 -0.01
CA ARG B 28 10.47 14.60 0.82
C ARG B 28 10.38 14.89 2.33
N ILE B 29 10.59 16.16 2.73
CA ILE B 29 10.54 16.57 4.15
C ILE B 29 9.06 16.54 4.58
N ARG B 30 8.16 17.00 3.69
CA ARG B 30 6.74 16.94 3.98
C ARG B 30 6.27 15.47 4.05
N MET B 31 6.79 14.59 3.14
CA MET B 31 6.43 13.17 3.19
C MET B 31 6.88 12.58 4.52
N THR B 32 8.12 12.91 4.94
CA THR B 32 8.62 12.40 6.20
C THR B 32 7.69 12.85 7.33
N HIS B 33 7.41 14.18 7.40
CA HIS B 33 6.56 14.69 8.47
C HIS B 33 5.17 14.00 8.48
N ASN B 34 4.54 13.88 7.32
CA ASN B 34 3.20 13.31 7.30
C ASN B 34 3.23 11.82 7.73
N LEU B 35 4.30 11.10 7.34
CA LEU B 35 4.37 9.71 7.73
C LEU B 35 4.54 9.57 9.26
N LEU B 36 5.45 10.36 9.85
CA LEU B 36 5.63 10.24 11.30
C LEU B 36 4.41 10.74 12.11
N LEU B 37 3.64 11.72 11.56
CA LEU B 37 2.40 12.13 12.24
C LEU B 37 1.41 10.95 12.23
N ASN B 38 1.31 10.25 11.08
CA ASN B 38 0.38 9.14 10.96
C ASN B 38 0.78 7.94 11.81
N TYR B 39 2.07 7.82 12.18
CA TYR B 39 2.53 6.84 13.14
C TYR B 39 2.20 7.24 14.58
N GLY B 40 1.77 8.49 14.79
CA GLY B 40 1.46 8.99 16.14
C GLY B 40 2.66 9.49 16.91
N LEU B 41 3.81 9.68 16.24
CA LEU B 41 5.02 10.10 16.95
C LEU B 41 4.95 11.51 17.53
N TYR B 42 4.01 12.34 17.04
CA TYR B 42 3.82 13.71 17.58
C TYR B 42 3.39 13.66 19.06
N ARG B 43 2.81 12.53 19.50
CA ARG B 43 2.33 12.39 20.88
C ARG B 43 3.48 12.39 21.89
N LYS B 44 4.70 12.02 21.43
CA LYS B 44 5.87 11.83 22.27
C LYS B 44 6.92 12.93 22.14
N MET B 45 6.71 13.93 21.27
CA MET B 45 7.77 14.93 21.11
C MET B 45 7.23 16.32 20.94
N GLU B 46 8.08 17.31 21.20
CA GLU B 46 7.68 18.70 21.02
C GLU B 46 7.95 19.04 19.60
N ILE B 47 6.95 19.56 18.90
CA ILE B 47 7.07 19.99 17.52
C ILE B 47 7.05 21.49 17.45
N TYR B 48 8.09 22.07 16.83
CA TYR B 48 8.16 23.51 16.66
C TYR B 48 8.26 23.88 15.22
N ARG B 49 7.78 25.09 14.88
CA ARG B 49 7.96 25.64 13.56
C ARG B 49 9.27 26.47 13.67
N PRO B 50 10.25 26.27 12.76
CA PRO B 50 11.46 27.10 12.81
C PRO B 50 11.14 28.56 12.48
N HIS B 51 11.99 29.45 12.95
CA HIS B 51 11.90 30.84 12.54
C HIS B 51 12.68 30.91 11.21
N LYS B 52 12.54 32.03 10.50
CA LYS B 52 13.32 32.25 9.29
C LYS B 52 14.64 32.85 9.76
N ALA B 53 15.73 32.06 9.65
CA ALA B 53 17.04 32.56 10.09
C ALA B 53 17.38 33.89 9.46
N THR B 54 17.87 34.79 10.28
CA THR B 54 18.18 36.14 9.79
C THR B 54 19.52 36.20 9.07
N ALA B 55 19.77 37.31 8.35
CA ALA B 55 21.08 37.54 7.73
C ALA B 55 22.15 37.63 8.86
N GLU B 56 21.81 38.19 10.03
CA GLU B 56 22.70 38.28 11.19
C GLU B 56 23.13 36.87 11.62
N GLU B 57 22.17 35.93 11.64
CA GLU B 57 22.48 34.55 12.02
C GLU B 57 23.35 33.90 10.94
N MET B 58 22.99 34.08 9.66
CA MET B 58 23.76 33.41 8.59
C MET B 58 25.15 33.92 8.44
N THR B 59 25.36 35.24 8.72
CA THR B 59 26.71 35.80 8.59
C THR B 59 27.64 35.50 9.77
N LYS B 60 27.21 34.67 10.73
CA LYS B 60 28.09 34.17 11.79
C LYS B 60 29.13 33.27 11.12
N TYR B 61 28.81 32.78 9.90
CA TYR B 61 29.77 32.01 9.11
C TYR B 61 29.94 32.58 7.71
N HIS B 62 28.85 32.70 6.96
CA HIS B 62 28.90 33.11 5.57
C HIS B 62 29.27 34.56 5.41
N SER B 63 29.88 34.88 4.28
CA SER B 63 30.20 36.28 4.03
C SER B 63 28.92 37.10 3.79
N ASP B 64 28.99 38.38 4.16
CA ASP B 64 27.93 39.36 3.99
C ASP B 64 27.49 39.47 2.54
N GLU B 65 28.45 39.50 1.61
CA GLU B 65 28.16 39.63 0.20
C GLU B 65 27.41 38.42 -0.34
N TYR B 66 27.80 37.22 0.11
CA TYR B 66 27.11 36.00 -0.35
C TYR B 66 25.67 35.95 0.15
N ILE B 67 25.44 36.26 1.43
CA ILE B 67 24.07 36.28 1.95
C ILE B 67 23.23 37.35 1.29
N LYS B 68 23.83 38.56 1.07
CA LYS B 68 23.12 39.64 0.37
C LYS B 68 22.68 39.15 -1.03
N PHE B 69 23.58 38.43 -1.73
CA PHE B 69 23.25 37.89 -3.06
C PHE B 69 22.09 36.89 -2.97
N LEU B 70 22.15 35.95 -2.00
CA LEU B 70 21.04 34.98 -1.88
C LEU B 70 19.73 35.66 -1.58
N ARG B 71 19.77 36.77 -0.81
CA ARG B 71 18.56 37.51 -0.45
C ARG B 71 18.02 38.34 -1.63
N SER B 72 18.82 38.51 -2.69
CA SER B 72 18.49 39.34 -3.86
C SER B 72 18.09 38.58 -5.11
N ILE B 73 18.73 37.41 -5.35
CA ILE B 73 18.59 36.62 -6.57
C ILE B 73 17.21 36.03 -6.74
N ARG B 74 16.62 36.19 -7.94
CA ARG B 74 15.30 35.67 -8.24
C ARG B 74 15.30 35.21 -9.68
N PRO B 75 14.42 34.29 -10.10
CA PRO B 75 14.37 33.92 -11.52
C PRO B 75 14.17 35.14 -12.45
N ASP B 76 13.38 36.15 -12.03
CA ASP B 76 13.14 37.34 -12.88
C ASP B 76 14.31 38.34 -13.04
N ASN B 77 15.32 38.26 -12.17
CA ASN B 77 16.45 39.19 -12.26
C ASN B 77 17.83 38.53 -12.51
N MET B 78 17.84 37.23 -12.88
CA MET B 78 19.07 36.47 -13.18
C MET B 78 20.01 37.13 -14.18
N SER B 79 19.46 37.77 -15.24
CA SER B 79 20.26 38.45 -16.26
C SER B 79 21.10 39.59 -15.67
N GLU B 80 20.53 40.33 -14.69
CA GLU B 80 21.21 41.44 -13.99
C GLU B 80 22.34 40.94 -13.09
N TYR B 81 22.24 39.67 -12.63
CA TYR B 81 23.17 39.09 -11.68
C TYR B 81 24.06 37.97 -12.24
N SER B 82 24.26 37.87 -13.59
CA SER B 82 25.07 36.81 -14.19
C SER B 82 26.48 36.66 -13.60
N LYS B 83 27.17 37.80 -13.33
CA LYS B 83 28.52 37.73 -12.74
C LYS B 83 28.52 37.25 -11.29
N GLN B 84 27.57 37.74 -10.47
CA GLN B 84 27.45 37.28 -9.07
C GLN B 84 27.03 35.81 -9.02
N MET B 85 26.16 35.37 -9.94
CA MET B 85 25.75 33.95 -10.02
C MET B 85 26.98 33.06 -10.22
N GLN B 86 27.89 33.52 -11.10
CA GLN B 86 29.12 32.79 -11.36
C GLN B 86 30.01 32.75 -10.12
N ARG B 87 30.24 33.92 -9.49
CA ARG B 87 31.10 34.10 -8.31
C ARG B 87 30.61 33.19 -7.16
N PHE B 88 29.30 33.17 -6.95
CA PHE B 88 28.71 32.43 -5.83
C PHE B 88 28.26 31.01 -6.14
N ASN B 89 28.54 30.56 -7.37
CA ASN B 89 28.22 29.22 -7.86
C ASN B 89 26.73 28.88 -7.81
N VAL B 90 25.89 29.86 -8.17
CA VAL B 90 24.46 29.66 -8.22
C VAL B 90 23.99 29.73 -9.68
N GLY B 91 23.05 28.83 -10.02
CA GLY B 91 22.43 28.82 -11.35
C GLY B 91 22.39 27.52 -12.12
N GLU B 92 23.27 26.56 -11.76
CA GLU B 92 23.32 25.26 -12.44
C GLU B 92 22.80 24.16 -11.48
N ASP B 93 23.69 23.37 -10.87
CA ASP B 93 23.30 22.33 -9.90
C ASP B 93 22.73 22.94 -8.61
N CYS B 94 23.03 24.23 -8.34
CA CYS B 94 22.46 24.99 -7.21
C CYS B 94 21.63 26.06 -7.88
N PRO B 95 20.42 25.70 -8.37
CA PRO B 95 19.65 26.65 -9.18
C PRO B 95 19.08 27.83 -8.46
N VAL B 96 18.61 28.81 -9.24
CA VAL B 96 17.83 29.90 -8.72
C VAL B 96 16.38 29.43 -8.84
N PHE B 97 15.64 29.49 -7.74
CA PHE B 97 14.21 29.14 -7.73
C PHE B 97 13.44 30.09 -6.87
N ASP B 98 12.12 30.18 -7.11
CA ASP B 98 11.27 31.07 -6.34
C ASP B 98 11.34 30.70 -4.85
N GLY B 99 11.60 31.68 -3.99
CA GLY B 99 11.63 31.40 -2.57
C GLY B 99 12.94 30.80 -2.07
N LEU B 100 13.98 30.80 -2.90
CA LEU B 100 15.28 30.26 -2.52
C LEU B 100 15.74 30.75 -1.15
N PHE B 101 15.69 32.07 -0.92
CA PHE B 101 16.18 32.59 0.35
C PHE B 101 15.33 32.10 1.52
N GLU B 102 13.99 32.08 1.36
CA GLU B 102 13.12 31.56 2.45
C GLU B 102 13.46 30.08 2.75
N PHE B 103 13.72 29.28 1.70
CA PHE B 103 14.10 27.87 1.89
C PHE B 103 15.35 27.79 2.76
N CYS B 104 16.36 28.62 2.42
CA CYS B 104 17.59 28.71 3.23
C CYS B 104 17.26 29.08 4.66
N GLN B 105 16.39 30.09 4.82
CA GLN B 105 16.04 30.57 6.14
C GLN B 105 15.38 29.54 7.02
N LEU B 106 14.46 28.75 6.44
CA LEU B 106 13.72 27.76 7.24
C LEU B 106 14.58 26.55 7.53
N SER B 107 15.37 26.11 6.53
CA SER B 107 16.27 24.98 6.74
C SER B 107 17.28 25.35 7.83
N THR B 108 17.86 26.56 7.76
CA THR B 108 18.85 27.00 8.74
C THR B 108 18.21 27.26 10.11
N GLY B 109 17.03 27.89 10.10
CA GLY B 109 16.35 28.21 11.35
C GLY B 109 16.12 27.00 12.23
N GLY B 110 15.77 25.88 11.62
CA GLY B 110 15.54 24.67 12.44
C GLY B 110 16.81 24.19 13.13
N SER B 111 17.94 24.27 12.43
CA SER B 111 19.19 23.79 13.01
C SER B 111 19.71 24.69 14.13
N VAL B 112 19.71 26.00 13.89
CA VAL B 112 20.20 26.92 14.94
C VAL B 112 19.22 26.93 16.12
N ALA B 113 17.92 26.88 15.86
CA ALA B 113 16.94 26.86 16.96
C ALA B 113 17.15 25.59 17.84
N GLY B 114 17.41 24.43 17.20
CA GLY B 114 17.68 23.19 17.89
C GLY B 114 18.93 23.28 18.72
N ALA B 115 20.00 23.89 18.16
CA ALA B 115 21.26 24.06 18.91
C ALA B 115 20.99 24.96 20.15
N VAL B 116 20.16 26.03 19.98
CA VAL B 116 19.84 26.93 21.12
C VAL B 116 19.13 26.13 22.22
N LYS B 117 18.13 25.31 21.84
CA LYS B 117 17.40 24.46 22.82
C LYS B 117 18.34 23.53 23.57
N LEU B 118 19.30 22.91 22.86
CA LEU B 118 20.27 22.03 23.47
C LEU B 118 21.15 22.83 24.46
N ASN B 119 21.65 24.01 24.05
CA ASN B 119 22.53 24.85 24.90
C ASN B 119 21.84 25.25 26.19
N ARG B 120 20.54 25.48 26.10
CA ARG B 120 19.69 25.89 27.23
C ARG B 120 19.20 24.73 28.08
N GLN B 121 19.62 23.52 27.70
CA GLN B 121 19.31 22.26 28.39
C GLN B 121 17.80 22.07 28.52
N GLN B 122 17.05 22.50 27.49
CA GLN B 122 15.59 22.36 27.41
C GLN B 122 15.19 21.10 26.66
N THR B 123 16.17 20.42 26.05
CA THR B 123 15.96 19.16 25.36
C THR B 123 17.22 18.35 25.39
N ASP B 124 17.10 17.02 25.19
CA ASP B 124 18.24 16.12 25.12
C ASP B 124 18.62 15.93 23.65
N MET B 125 17.61 15.91 22.77
CA MET B 125 17.82 15.77 21.33
C MET B 125 16.99 16.79 20.60
N ALA B 126 17.53 17.34 19.50
CA ALA B 126 16.76 18.24 18.65
C ALA B 126 16.89 17.66 17.26
N VAL B 127 15.81 17.68 16.50
CA VAL B 127 15.76 17.10 15.15
C VAL B 127 15.38 18.14 14.11
N ASN B 128 16.15 18.26 13.00
CA ASN B 128 15.70 19.15 11.93
C ASN B 128 15.97 18.42 10.61
N TRP B 129 14.98 17.69 10.10
CA TRP B 129 15.21 16.95 8.85
C TRP B 129 15.42 17.86 7.64
N ALA B 130 15.00 19.16 7.72
CA ALA B 130 15.21 20.09 6.61
C ALA B 130 16.63 20.61 6.56
N GLY B 131 17.47 20.27 7.54
CA GLY B 131 18.85 20.73 7.61
C GLY B 131 19.84 19.69 7.09
N GLY B 132 21.12 19.86 7.44
CA GLY B 132 22.17 18.94 7.02
C GLY B 132 22.81 19.28 5.67
N LEU B 133 22.84 20.60 5.32
CA LEU B 133 23.33 21.02 3.97
C LEU B 133 24.84 21.18 4.02
N HIS B 134 25.55 20.04 4.12
CA HIS B 134 26.98 20.02 4.41
C HIS B 134 27.96 20.53 3.38
N HIS B 135 27.50 20.72 2.13
CA HIS B 135 28.42 21.18 1.08
C HIS B 135 28.57 22.69 1.00
N ALA B 136 27.61 23.47 1.55
CA ALA B 136 27.71 24.94 1.39
C ALA B 136 28.97 25.49 2.00
N LYS B 137 29.57 26.44 1.29
CA LYS B 137 30.83 27.02 1.73
C LYS B 137 30.64 28.44 2.23
N LYS B 138 31.69 29.01 2.82
CA LYS B 138 31.61 30.37 3.35
C LYS B 138 31.02 31.40 2.36
N SER B 139 31.46 31.35 1.08
CA SER B 139 31.03 32.31 0.09
C SER B 139 30.59 31.67 -1.21
N GLU B 140 30.13 30.40 -1.18
CA GLU B 140 29.64 29.82 -2.41
C GLU B 140 28.71 28.64 -2.18
N ALA B 141 27.73 28.47 -3.08
CA ALA B 141 26.86 27.31 -3.00
C ALA B 141 27.60 26.10 -3.59
N SER B 142 27.16 24.89 -3.25
CA SER B 142 27.77 23.69 -3.80
C SER B 142 26.88 22.51 -3.53
N GLY B 143 26.79 21.59 -4.49
CA GLY B 143 26.12 20.32 -4.24
C GLY B 143 24.68 20.43 -3.77
N PHE B 144 23.94 21.38 -4.39
CA PHE B 144 22.52 21.68 -4.10
C PHE B 144 22.33 22.44 -2.78
N CYS B 145 23.44 22.75 -2.07
CA CYS B 145 23.43 23.43 -0.76
C CYS B 145 23.76 24.89 -0.93
N TYR B 146 23.08 25.77 -0.15
CA TYR B 146 23.38 27.23 -0.24
C TYR B 146 23.91 27.80 1.06
N VAL B 147 23.20 27.54 2.16
CA VAL B 147 23.58 28.02 3.50
C VAL B 147 23.89 26.80 4.36
N ASN B 148 25.09 26.81 4.98
CA ASN B 148 25.53 25.69 5.78
C ASN B 148 24.93 25.75 7.17
N ASP B 149 23.71 25.21 7.30
CA ASP B 149 23.01 25.23 8.60
C ASP B 149 23.81 24.47 9.66
N ILE B 150 24.59 23.44 9.25
CA ILE B 150 25.37 22.64 10.20
C ILE B 150 26.45 23.48 10.85
N VAL B 151 27.25 24.20 10.02
CA VAL B 151 28.32 25.04 10.53
C VAL B 151 27.70 26.07 11.49
N LEU B 152 26.56 26.66 11.11
CA LEU B 152 25.90 27.67 11.97
C LEU B 152 25.45 27.06 13.29
N ALA B 153 24.87 25.84 13.24
CA ALA B 153 24.42 25.17 14.48
C ALA B 153 25.62 24.83 15.37
N ILE B 154 26.72 24.39 14.78
CA ILE B 154 27.93 24.05 15.53
C ILE B 154 28.52 25.32 16.19
N LEU B 155 28.52 26.43 15.46
CA LEU B 155 29.01 27.68 16.07
C LEU B 155 28.14 28.07 17.25
N GLU B 156 26.83 27.80 17.17
CA GLU B 156 25.93 28.09 18.30
C GLU B 156 26.30 27.16 19.47
N LEU B 157 26.47 25.85 19.21
CA LEU B 157 26.84 24.93 20.29
C LEU B 157 28.19 25.34 20.93
N LEU B 158 29.14 25.84 20.11
CA LEU B 158 30.48 26.22 20.59
C LEU B 158 30.42 27.36 21.58
N LYS B 159 29.27 28.05 21.69
CA LYS B 159 29.17 29.12 22.71
C LYS B 159 29.20 28.48 24.11
N TYR B 160 28.61 27.27 24.27
CA TYR B 160 28.47 26.57 25.56
C TYR B 160 29.32 25.33 25.71
N HIS B 161 29.82 24.75 24.58
CA HIS B 161 30.56 23.48 24.56
C HIS B 161 31.96 23.64 24.10
N GLN B 162 32.94 23.25 24.94
CA GLN B 162 34.35 23.35 24.57
C GLN B 162 34.68 22.51 23.35
N ARG B 163 34.14 21.27 23.31
CA ARG B 163 34.38 20.31 22.23
C ARG B 163 33.03 19.80 21.70
N VAL B 164 32.84 19.94 20.38
CA VAL B 164 31.64 19.44 19.70
C VAL B 164 32.09 18.39 18.70
N LEU B 165 31.38 17.25 18.66
CA LEU B 165 31.67 16.19 17.70
C LEU B 165 30.64 16.24 16.58
N TYR B 166 31.12 16.19 15.35
CA TYR B 166 30.24 16.18 14.17
C TYR B 166 30.42 14.83 13.51
N ILE B 167 29.32 14.12 13.20
CA ILE B 167 29.38 12.79 12.57
C ILE B 167 28.50 12.87 11.33
N ASP B 168 28.98 12.35 10.19
CA ASP B 168 28.26 12.55 8.94
C ASP B 168 28.14 11.21 8.19
N ILE B 169 26.91 10.70 8.06
CA ILE B 169 26.64 9.42 7.41
C ILE B 169 25.98 9.57 6.03
N ASP B 170 25.93 10.81 5.51
CA ASP B 170 25.57 11.05 4.10
C ASP B 170 26.57 10.26 3.23
N ILE B 171 26.15 9.82 2.03
CA ILE B 171 27.13 9.11 1.18
C ILE B 171 28.28 10.02 0.74
N HIS B 172 28.09 11.35 0.74
CA HIS B 172 29.11 12.31 0.31
C HIS B 172 29.93 12.80 1.48
N HIS B 173 31.18 13.17 1.20
CA HIS B 173 32.06 13.75 2.20
C HIS B 173 31.42 15.07 2.69
N GLY B 174 31.43 15.27 4.02
CA GLY B 174 30.93 16.51 4.62
C GLY B 174 31.99 17.59 4.50
N ASP B 175 32.24 18.04 3.27
CA ASP B 175 33.34 18.97 2.96
C ASP B 175 33.20 20.37 3.53
N GLY B 176 31.99 20.96 3.45
CA GLY B 176 31.82 22.32 3.94
C GLY B 176 32.03 22.40 5.45
N VAL B 177 31.57 21.35 6.17
CA VAL B 177 31.70 21.34 7.63
C VAL B 177 33.17 21.09 7.99
N GLU B 178 33.80 20.10 7.33
CA GLU B 178 35.19 19.82 7.62
C GLU B 178 36.05 21.07 7.36
N GLU B 179 35.81 21.77 6.24
CA GLU B 179 36.59 22.95 5.89
C GLU B 179 36.44 24.05 6.96
N ALA B 180 35.18 24.33 7.38
CA ALA B 180 34.94 25.39 8.39
C ALA B 180 35.77 25.21 9.66
N PHE B 181 35.97 23.94 10.07
CA PHE B 181 36.65 23.61 11.30
C PHE B 181 37.98 22.90 11.13
N TYR B 182 38.57 22.93 9.93
CA TYR B 182 39.78 22.16 9.64
C TYR B 182 40.96 22.52 10.53
N THR B 183 41.02 23.78 10.99
CA THR B 183 42.17 24.24 11.80
C THR B 183 41.88 24.42 13.29
N THR B 184 40.80 23.81 13.78
CA THR B 184 40.46 23.85 15.21
C THR B 184 40.29 22.48 15.80
N ASP B 185 40.63 22.37 17.10
CA ASP B 185 40.44 21.16 17.87
C ASP B 185 39.13 21.22 18.65
N ARG B 186 38.37 22.32 18.53
CA ARG B 186 37.10 22.52 19.24
C ARG B 186 35.93 21.82 18.53
N VAL B 187 36.17 21.34 17.29
CA VAL B 187 35.20 20.53 16.58
C VAL B 187 35.97 19.38 15.95
N MET B 188 35.55 18.14 16.22
CA MET B 188 36.11 17.01 15.54
C MET B 188 35.05 16.63 14.51
N THR B 189 35.46 16.55 13.22
CA THR B 189 34.51 16.17 12.16
C THR B 189 34.84 14.73 11.74
N VAL B 190 33.81 13.86 11.67
CA VAL B 190 33.99 12.47 11.30
C VAL B 190 33.02 12.18 10.16
N SER B 191 33.57 11.91 8.96
CA SER B 191 32.70 11.62 7.83
C SER B 191 33.00 10.24 7.27
N PHE B 192 31.93 9.45 7.02
CA PHE B 192 31.97 8.13 6.34
C PHE B 192 31.36 8.42 4.95
N HIS B 193 32.03 8.07 3.86
CA HIS B 193 31.50 8.47 2.56
C HIS B 193 32.12 7.65 1.45
N LYS B 194 31.46 7.64 0.28
CA LYS B 194 32.07 7.04 -0.90
C LYS B 194 33.21 7.96 -1.32
N TYR B 195 34.34 7.33 -1.70
CA TYR B 195 35.48 8.07 -2.13
C TYR B 195 36.07 7.37 -3.36
N GLY B 196 36.47 8.18 -4.34
CA GLY B 196 37.08 7.70 -5.58
C GLY B 196 36.36 8.30 -6.76
N GLU B 197 36.90 9.42 -7.25
CA GLU B 197 36.34 10.19 -8.36
C GLU B 197 34.82 10.36 -8.15
N TYR B 198 34.45 10.82 -6.96
CA TYR B 198 33.04 10.96 -6.59
C TYR B 198 32.85 12.34 -5.98
N PHE B 199 31.66 12.92 -6.11
CA PHE B 199 31.43 14.24 -5.54
C PHE B 199 31.61 14.21 -4.01
N PRO B 200 32.22 15.22 -3.37
CA PRO B 200 32.84 16.44 -3.91
C PRO B 200 34.34 16.29 -4.28
N GLY B 201 34.92 15.12 -4.04
CA GLY B 201 36.31 14.82 -4.41
C GLY B 201 37.28 14.85 -3.25
N THR B 202 36.79 15.23 -2.08
CA THR B 202 37.56 15.38 -0.86
C THR B 202 37.26 14.25 0.11
N GLY B 203 37.86 14.28 1.29
CA GLY B 203 37.59 13.20 2.23
C GLY B 203 38.52 12.02 2.10
N ASP B 204 39.79 12.30 1.73
CA ASP B 204 40.77 11.23 1.67
C ASP B 204 41.10 10.86 3.13
N LEU B 205 41.45 9.60 3.35
CA LEU B 205 41.91 9.06 4.64
C LEU B 205 43.01 9.97 5.23
N ARG B 206 43.85 10.55 4.35
CA ARG B 206 45.01 11.35 4.76
C ARG B 206 44.70 12.80 5.09
N ASP B 207 43.41 13.21 4.93
CA ASP B 207 42.98 14.56 5.30
C ASP B 207 42.62 14.49 6.76
N ILE B 208 43.57 14.89 7.64
CA ILE B 208 43.40 14.75 9.08
C ILE B 208 43.31 16.06 9.86
N GLY B 209 43.28 17.18 9.15
CA GLY B 209 43.20 18.49 9.81
C GLY B 209 44.53 19.20 9.67
N ALA B 210 44.58 20.46 10.13
CA ALA B 210 45.81 21.24 10.04
C ALA B 210 45.96 22.14 11.24
N GLY B 211 47.21 22.50 11.55
CA GLY B 211 47.49 23.37 12.69
C GLY B 211 46.98 22.79 13.97
N LYS B 212 46.23 23.59 14.77
CA LYS B 212 45.66 23.11 16.03
C LYS B 212 44.62 21.99 15.75
N GLY B 213 44.11 21.96 14.52
CA GLY B 213 43.13 20.96 14.11
C GLY B 213 43.72 19.66 13.59
N LYS B 214 45.06 19.52 13.60
CA LYS B 214 45.67 18.26 13.17
C LYS B 214 45.21 17.14 14.09
N TYR B 215 44.64 16.08 13.47
CA TYR B 215 44.07 14.89 14.12
C TYR B 215 42.60 15.08 14.52
N TYR B 216 42.02 16.26 14.19
CA TYR B 216 40.62 16.57 14.54
C TYR B 216 39.68 16.52 13.34
N ALA B 217 40.14 15.96 12.24
CA ALA B 217 39.29 15.65 11.07
C ALA B 217 39.53 14.18 10.76
N VAL B 218 38.44 13.41 10.65
CA VAL B 218 38.49 11.95 10.47
C VAL B 218 37.66 11.64 9.24
N ASN B 219 38.25 10.90 8.30
CA ASN B 219 37.57 10.53 7.07
C ASN B 219 37.68 9.04 6.83
N PHE B 220 36.53 8.37 6.63
CA PHE B 220 36.51 6.94 6.35
C PHE B 220 36.00 6.76 4.91
N PRO B 221 36.92 6.65 3.95
CA PRO B 221 36.51 6.49 2.55
C PRO B 221 36.07 5.05 2.29
N MET B 222 34.93 4.93 1.56
CA MET B 222 34.33 3.63 1.26
C MET B 222 34.11 3.47 -0.22
N ARG B 223 33.87 2.21 -0.65
CA ARG B 223 33.59 1.92 -2.04
C ARG B 223 32.11 1.59 -2.19
N ASP B 224 31.67 1.40 -3.44
CA ASP B 224 30.29 1.03 -3.71
C ASP B 224 29.86 -0.20 -2.96
N GLY B 225 28.57 -0.26 -2.67
CA GLY B 225 27.92 -1.45 -2.14
C GLY B 225 28.05 -1.81 -0.68
N ILE B 226 28.57 -0.87 0.16
CA ILE B 226 28.66 -1.19 1.55
C ILE B 226 27.26 -1.56 2.11
N ASP B 227 27.23 -2.58 2.96
CA ASP B 227 25.98 -3.10 3.52
C ASP B 227 25.91 -2.86 5.03
N ASP B 228 24.77 -3.19 5.63
CA ASP B 228 24.55 -2.99 7.06
C ASP B 228 25.61 -3.63 7.93
N GLU B 229 25.99 -4.87 7.58
CA GLU B 229 26.93 -5.65 8.39
C GLU B 229 28.30 -4.98 8.40
N SER B 230 28.80 -4.61 7.21
CA SER B 230 30.11 -3.98 7.04
C SER B 230 30.14 -2.59 7.69
N TYR B 231 29.09 -1.78 7.44
CA TYR B 231 29.04 -0.44 7.99
C TYR B 231 29.00 -0.48 9.51
N GLY B 232 28.14 -1.33 10.06
CA GLY B 232 27.94 -1.43 11.51
C GLY B 232 29.18 -1.89 12.24
N GLN B 233 29.94 -2.79 11.60
CA GLN B 233 31.18 -3.33 12.19
C GLN B 233 32.30 -2.29 12.32
N ILE B 234 32.27 -1.23 11.51
CA ILE B 234 33.26 -0.17 11.67
C ILE B 234 32.72 1.07 12.38
N PHE B 235 31.41 1.37 12.24
CA PHE B 235 30.90 2.61 12.83
C PHE B 235 30.99 2.62 14.35
N LYS B 236 30.47 1.56 15.02
CA LYS B 236 30.48 1.54 16.49
C LYS B 236 31.93 1.61 17.06
N PRO B 237 32.90 0.84 16.55
CA PRO B 237 34.28 0.99 17.10
C PRO B 237 34.91 2.36 16.85
N ILE B 238 34.72 2.93 15.64
CA ILE B 238 35.28 4.25 15.34
C ILE B 238 34.66 5.29 16.27
N ILE B 239 33.32 5.32 16.36
CA ILE B 239 32.67 6.30 17.20
C ILE B 239 33.03 6.12 18.66
N SER B 240 33.11 4.86 19.14
CA SER B 240 33.49 4.62 20.56
C SER B 240 34.90 5.15 20.84
N LYS B 241 35.83 4.98 19.91
CA LYS B 241 37.22 5.44 20.05
C LYS B 241 37.27 6.96 20.01
N VAL B 242 36.50 7.56 19.10
CA VAL B 242 36.43 9.01 19.05
C VAL B 242 35.86 9.57 20.38
N MET B 243 34.81 8.95 20.93
CA MET B 243 34.21 9.41 22.18
C MET B 243 35.24 9.29 23.35
N GLU B 244 35.95 8.16 23.39
CA GLU B 244 36.96 7.90 24.42
C GLU B 244 38.09 8.95 24.40
N MET B 245 38.64 9.22 23.21
CA MET B 245 39.76 10.14 23.05
C MET B 245 39.38 11.62 23.05
N TYR B 246 38.26 11.96 22.42
CA TYR B 246 37.87 13.35 22.25
C TYR B 246 37.02 13.91 23.34
N GLN B 247 36.15 13.07 23.96
CA GLN B 247 35.27 13.43 25.07
C GLN B 247 34.48 14.73 24.77
N PRO B 248 33.72 14.74 23.65
CA PRO B 248 32.92 15.91 23.34
C PRO B 248 31.80 16.09 24.36
N SER B 249 31.24 17.31 24.47
CA SER B 249 30.08 17.50 25.37
C SER B 249 28.78 17.72 24.58
N ALA B 250 28.85 17.75 23.21
CA ALA B 250 27.66 17.85 22.36
C ALA B 250 27.99 17.19 21.04
N VAL B 251 26.95 16.63 20.39
CA VAL B 251 27.16 15.93 19.11
C VAL B 251 26.18 16.42 18.08
N VAL B 252 26.64 16.54 16.84
CA VAL B 252 25.76 16.85 15.70
C VAL B 252 25.91 15.66 14.75
N LEU B 253 24.76 15.05 14.38
CA LEU B 253 24.76 13.88 13.51
C LEU B 253 23.98 14.22 12.24
N GLN B 254 24.69 14.25 11.10
CA GLN B 254 24.07 14.50 9.80
C GLN B 254 23.64 13.13 9.28
N CYS B 255 22.33 12.95 9.06
CA CYS B 255 21.71 11.66 8.70
C CYS B 255 21.34 11.56 7.23
N GLY B 256 22.18 12.10 6.34
CA GLY B 256 21.90 12.08 4.90
C GLY B 256 21.52 10.69 4.44
N ALA B 257 20.37 10.59 3.75
CA ALA B 257 19.79 9.32 3.37
C ALA B 257 20.18 8.83 1.98
N ASP B 258 21.11 9.53 1.33
CA ASP B 258 21.62 9.09 0.03
C ASP B 258 22.60 7.92 0.17
N SER B 259 22.87 7.49 1.41
CA SER B 259 23.67 6.30 1.71
C SER B 259 22.78 5.02 1.75
N LEU B 260 21.46 5.16 1.50
CA LEU B 260 20.58 3.99 1.48
C LEU B 260 20.65 3.25 0.17
N SER B 261 20.40 1.94 0.28
CA SER B 261 20.21 1.08 -0.88
C SER B 261 19.10 1.68 -1.79
N GLY B 262 19.32 1.66 -3.11
CA GLY B 262 18.32 2.12 -4.06
C GLY B 262 18.20 3.61 -4.25
N ASP B 263 19.16 4.37 -3.68
CA ASP B 263 19.15 5.82 -3.84
C ASP B 263 19.37 6.17 -5.31
N ARG B 264 18.63 7.16 -5.81
CA ARG B 264 18.71 7.56 -7.23
C ARG B 264 20.10 7.98 -7.64
N LEU B 265 20.87 8.59 -6.72
CA LEU B 265 22.21 9.09 -6.99
C LEU B 265 23.30 8.28 -6.36
N GLY B 266 23.05 7.70 -5.19
CA GLY B 266 24.04 6.97 -4.41
C GLY B 266 24.29 5.55 -4.88
N CYS B 267 25.32 4.97 -4.30
CA CYS B 267 25.80 3.63 -4.65
C CYS B 267 26.11 2.77 -3.45
N PHE B 268 25.49 3.06 -2.27
CA PHE B 268 25.64 2.20 -1.13
C PHE B 268 24.46 1.21 -1.04
N ASN B 269 24.55 0.28 -0.08
CA ASN B 269 23.51 -0.74 0.05
C ASN B 269 23.02 -0.92 1.47
N LEU B 270 22.87 0.22 2.19
CA LEU B 270 22.36 0.17 3.57
C LEU B 270 20.84 0.12 3.57
N THR B 271 20.29 -0.57 4.55
CA THR B 271 18.85 -0.56 4.76
C THR B 271 18.56 0.59 5.75
N VAL B 272 17.26 0.86 5.98
CA VAL B 272 16.89 1.86 6.98
C VAL B 272 17.35 1.40 8.38
N LYS B 273 17.34 0.09 8.70
CA LYS B 273 17.85 -0.39 9.99
C LYS B 273 19.36 -0.15 10.09
N GLY B 274 20.08 -0.39 8.98
CA GLY B 274 21.53 -0.19 9.01
C GLY B 274 21.92 1.27 9.19
N HIS B 275 21.18 2.15 8.54
CA HIS B 275 21.46 3.59 8.67
C HIS B 275 21.06 4.02 10.10
N ALA B 276 19.87 3.59 10.59
CA ALA B 276 19.41 3.98 11.93
C ALA B 276 20.25 3.42 13.07
N LYS B 277 21.00 2.35 12.84
CA LYS B 277 21.90 1.81 13.86
C LYS B 277 22.91 2.91 14.27
N CYS B 278 23.26 3.81 13.34
CA CYS B 278 24.18 4.91 13.64
C CYS B 278 23.58 5.81 14.69
N VAL B 279 22.28 6.14 14.56
CA VAL B 279 21.61 6.98 15.55
C VAL B 279 21.59 6.25 16.90
N GLU B 280 21.25 4.95 16.89
CA GLU B 280 21.24 4.16 18.14
C GLU B 280 22.60 4.21 18.83
N VAL B 281 23.69 4.00 18.07
CA VAL B 281 25.04 4.03 18.64
C VAL B 281 25.35 5.39 19.26
N VAL B 282 25.10 6.48 18.51
CA VAL B 282 25.41 7.82 19.03
C VAL B 282 24.62 8.11 20.32
N LYS B 283 23.36 7.70 20.36
CA LYS B 283 22.53 7.92 21.56
C LYS B 283 23.08 7.27 22.83
N THR B 284 23.80 6.14 22.70
CA THR B 284 24.30 5.39 23.89
C THR B 284 25.26 6.23 24.72
N PHE B 285 25.83 7.29 24.14
CA PHE B 285 26.77 8.17 24.84
C PHE B 285 26.11 9.22 25.73
N ASN B 286 24.78 9.36 25.65
CA ASN B 286 23.96 10.28 26.48
C ASN B 286 24.45 11.69 26.45
N LEU B 287 24.78 12.20 25.25
CA LEU B 287 25.23 13.58 25.09
C LEU B 287 24.17 14.36 24.34
N PRO B 288 24.01 15.67 24.63
CA PRO B 288 23.10 16.52 23.83
C PRO B 288 23.37 16.25 22.35
N LEU B 289 22.28 15.99 21.59
CA LEU B 289 22.42 15.55 20.19
C LEU B 289 21.51 16.33 19.27
N LEU B 290 22.08 16.87 18.18
CA LEU B 290 21.31 17.53 17.15
C LEU B 290 21.37 16.61 15.94
N MET B 291 20.21 16.12 15.51
CA MET B 291 20.07 15.22 14.38
C MET B 291 19.55 16.04 13.22
N LEU B 292 20.26 15.96 12.09
CA LEU B 292 19.92 16.74 10.90
C LEU B 292 19.74 15.81 9.72
N GLY B 293 19.04 16.33 8.71
CA GLY B 293 18.83 15.62 7.45
C GLY B 293 20.08 15.68 6.57
N GLY B 294 19.88 15.65 5.25
CA GLY B 294 21.01 15.69 4.33
C GLY B 294 20.50 15.23 2.98
N GLY B 295 21.34 14.53 2.22
CA GLY B 295 20.89 14.08 0.90
C GLY B 295 19.87 12.97 0.97
N GLY B 296 19.49 12.45 -0.18
CA GLY B 296 18.50 11.38 -0.26
C GLY B 296 17.59 11.70 -1.43
N TYR B 297 17.56 10.79 -2.41
CA TYR B 297 16.96 11.03 -3.72
C TYR B 297 15.89 10.09 -4.16
N THR B 298 15.69 8.99 -3.42
CA THR B 298 14.56 8.07 -3.63
CA THR B 298 14.58 8.05 -3.62
C THR B 298 13.64 8.45 -2.49
N ILE B 299 12.75 9.38 -2.78
CA ILE B 299 11.97 10.04 -1.74
C ILE B 299 11.18 9.16 -0.81
N ARG B 300 10.61 8.06 -1.32
CA ARG B 300 9.90 7.15 -0.41
C ARG B 300 10.84 6.60 0.66
N ASN B 301 12.11 6.34 0.29
CA ASN B 301 13.07 5.76 1.25
C ASN B 301 13.59 6.80 2.22
N VAL B 302 13.68 8.07 1.77
CA VAL B 302 14.09 9.17 2.67
C VAL B 302 13.00 9.28 3.77
N ALA B 303 11.70 9.27 3.38
CA ALA B 303 10.61 9.42 4.38
C ALA B 303 10.64 8.24 5.36
N ARG B 304 10.87 7.02 4.85
CA ARG B 304 10.98 5.84 5.73
C ARG B 304 12.15 6.01 6.72
N CYS B 305 13.29 6.41 6.20
CA CYS B 305 14.51 6.51 6.99
C CYS B 305 14.36 7.49 8.13
N TRP B 306 13.92 8.71 7.78
CA TRP B 306 13.83 9.74 8.83
C TRP B 306 12.67 9.53 9.76
N THR B 307 11.60 8.87 9.30
CA THR B 307 10.51 8.50 10.22
C THR B 307 11.08 7.49 11.23
N TYR B 308 11.78 6.47 10.73
CA TYR B 308 12.30 5.46 11.67
C TYR B 308 13.33 6.07 12.62
N GLU B 309 14.19 6.97 12.11
CA GLU B 309 15.18 7.60 12.97
C GLU B 309 14.55 8.53 14.02
N THR B 310 13.39 9.10 13.74
CA THR B 310 12.67 9.93 14.73
C THR B 310 12.17 8.95 15.84
N ALA B 311 11.63 7.76 15.44
CA ALA B 311 11.23 6.76 16.43
C ALA B 311 12.43 6.32 17.27
N VAL B 312 13.62 6.15 16.65
CA VAL B 312 14.84 5.76 17.40
C VAL B 312 15.17 6.86 18.42
N ALA B 313 15.09 8.14 18.00
CA ALA B 313 15.36 9.23 18.92
C ALA B 313 14.41 9.18 20.13
N LEU B 314 13.15 8.80 19.87
CA LEU B 314 12.08 8.69 20.90
C LEU B 314 12.14 7.39 21.70
N ASP B 315 13.08 6.49 21.38
CA ASP B 315 13.26 5.21 22.04
C ASP B 315 12.02 4.38 21.91
N CYS B 316 11.47 4.34 20.70
CA CYS B 316 10.34 3.48 20.55
C CYS B 316 10.33 2.80 19.23
N GLU B 317 9.61 1.70 19.20
CA GLU B 317 9.51 0.99 17.96
C GLU B 317 8.21 1.37 17.28
N ILE B 318 8.18 1.17 15.97
CA ILE B 318 6.96 1.44 15.21
C ILE B 318 6.78 0.26 14.27
N PRO B 319 5.52 -0.05 13.90
CA PRO B 319 5.29 -1.23 13.06
C PRO B 319 5.84 -1.11 11.64
N ASN B 320 6.17 -2.25 11.05
CA ASN B 320 6.64 -2.25 9.66
C ASN B 320 5.48 -1.91 8.72
N GLU B 321 4.25 -2.25 9.11
CA GLU B 321 3.04 -1.95 8.32
C GLU B 321 2.87 -0.44 8.31
N LEU B 322 3.00 0.21 7.12
CA LEU B 322 2.86 1.67 7.11
C LEU B 322 1.46 2.10 7.43
N PRO B 323 1.26 3.16 8.25
CA PRO B 323 -0.10 3.67 8.47
C PRO B 323 -0.54 4.38 7.19
N TYR B 324 -1.85 4.51 7.02
CA TYR B 324 -2.31 5.32 5.89
C TYR B 324 -1.78 6.74 6.10
N ASN B 325 -1.54 7.44 5.00
CA ASN B 325 -0.97 8.79 5.03
C ASN B 325 -1.22 9.47 3.71
N ASP B 326 -0.96 10.79 3.64
CA ASP B 326 -1.24 11.59 2.43
C ASP B 326 -0.50 11.12 1.18
N TYR B 327 0.61 10.33 1.36
CA TYR B 327 1.45 9.90 0.24
C TYR B 327 1.54 8.38 0.20
N PHE B 328 0.47 7.68 0.66
CA PHE B 328 0.51 6.23 0.81
C PHE B 328 0.94 5.51 -0.45
N GLU B 329 0.41 5.96 -1.63
CA GLU B 329 0.76 5.34 -2.90
C GLU B 329 2.26 5.39 -3.25
N TYR B 330 3.01 6.35 -2.65
CA TYR B 330 4.44 6.42 -2.96
C TYR B 330 5.22 5.22 -2.43
N PHE B 331 4.64 4.50 -1.46
CA PHE B 331 5.32 3.44 -0.73
C PHE B 331 5.01 2.04 -1.23
N GLY B 332 4.34 1.94 -2.38
CA GLY B 332 4.15 0.64 -3.00
C GLY B 332 5.50 0.11 -3.52
N PRO B 333 5.55 -1.18 -3.88
CA PRO B 333 4.43 -2.12 -3.88
C PRO B 333 4.11 -2.79 -2.55
N ASP B 334 5.02 -2.64 -1.56
CA ASP B 334 4.92 -3.36 -0.30
C ASP B 334 4.23 -2.60 0.84
N PHE B 335 4.29 -1.24 0.82
CA PHE B 335 3.69 -0.43 1.89
C PHE B 335 4.27 -0.79 3.27
N LYS B 336 5.58 -1.05 3.29
CA LYS B 336 6.33 -1.33 4.55
C LYS B 336 7.29 -0.21 4.82
N LEU B 337 7.67 -0.10 6.08
CA LEU B 337 8.61 0.94 6.49
C LEU B 337 10.03 0.54 6.11
N HIS B 338 10.39 -0.71 6.37
CA HIS B 338 11.75 -1.19 6.14
C HIS B 338 12.00 -1.64 4.72
N ILE B 339 13.26 -1.51 4.31
CA ILE B 339 13.65 -1.84 2.95
C ILE B 339 14.66 -2.98 2.93
N SER B 340 14.65 -3.73 1.83
CA SER B 340 15.60 -4.80 1.65
C SER B 340 16.82 -4.30 0.94
N PRO B 341 18.00 -4.91 1.20
CA PRO B 341 19.16 -4.51 0.41
C PRO B 341 19.07 -5.11 -1.00
N SER B 342 19.86 -4.57 -1.93
CA SER B 342 19.87 -5.15 -3.28
C SER B 342 20.94 -6.22 -3.38
N ASN B 343 21.09 -6.79 -4.59
CA ASN B 343 22.11 -7.78 -4.85
C ASN B 343 23.41 -7.15 -5.31
N MET B 344 23.57 -5.81 -5.21
CA MET B 344 24.82 -5.18 -5.66
C MET B 344 26.05 -5.71 -4.89
N THR B 345 27.19 -5.85 -5.58
CA THR B 345 28.38 -6.32 -4.93
C THR B 345 28.88 -5.29 -3.91
N ASN B 346 29.30 -5.77 -2.75
CA ASN B 346 29.93 -4.92 -1.74
C ASN B 346 31.42 -4.91 -2.11
N GLN B 347 31.90 -3.77 -2.68
CA GLN B 347 33.30 -3.63 -3.09
CA GLN B 347 33.31 -3.67 -3.07
C GLN B 347 34.26 -3.44 -1.89
N ASN B 348 33.71 -3.24 -0.68
CA ASN B 348 34.44 -3.05 0.56
C ASN B 348 34.74 -4.40 1.18
N THR B 349 35.93 -4.92 0.90
CA THR B 349 36.27 -6.22 1.48
C THR B 349 36.44 -6.13 3.01
N PRO B 350 36.32 -7.24 3.76
CA PRO B 350 36.55 -7.18 5.21
C PRO B 350 37.94 -6.65 5.57
N GLU B 351 38.99 -7.01 4.77
CA GLU B 351 40.35 -6.58 5.05
C GLU B 351 40.50 -5.07 4.78
N TYR B 352 39.84 -4.56 3.74
CA TYR B 352 39.84 -3.12 3.45
C TYR B 352 39.26 -2.37 4.65
N MET B 353 38.07 -2.82 5.12
CA MET B 353 37.42 -2.14 6.26
C MET B 353 38.29 -2.11 7.50
N GLU B 354 38.90 -3.25 7.85
CA GLU B 354 39.73 -3.32 9.04
C GLU B 354 41.04 -2.55 8.90
N LYS B 355 41.65 -2.57 7.69
CA LYS B 355 42.89 -1.81 7.48
C LYS B 355 42.63 -0.28 7.61
N ILE B 356 41.53 0.21 7.00
CA ILE B 356 41.20 1.62 7.14
C ILE B 356 40.89 1.95 8.61
N LYS B 357 40.09 1.10 9.30
CA LYS B 357 39.76 1.32 10.72
C LYS B 357 41.07 1.41 11.54
N GLN B 358 42.04 0.53 11.24
CA GLN B 358 43.31 0.53 11.95
C GLN B 358 44.10 1.80 11.74
N ARG B 359 44.12 2.30 10.48
CA ARG B 359 44.80 3.57 10.16
C ARG B 359 44.14 4.73 10.92
N LEU B 360 42.79 4.76 10.99
CA LEU B 360 42.09 5.80 11.74
C LEU B 360 42.35 5.69 13.24
N PHE B 361 42.42 4.43 13.79
CA PHE B 361 42.71 4.24 15.20
CA PHE B 361 42.69 4.24 15.20
C PHE B 361 44.10 4.78 15.52
N GLU B 362 45.07 4.64 14.60
CA GLU B 362 46.45 5.18 14.77
C GLU B 362 46.40 6.71 14.92
N ASN B 363 45.56 7.37 14.10
CA ASN B 363 45.41 8.83 14.19
C ASN B 363 44.71 9.23 15.48
N LEU B 364 43.72 8.45 15.93
CA LEU B 364 42.98 8.78 17.14
C LEU B 364 43.84 8.66 18.39
N ARG B 365 44.78 7.72 18.36
CA ARG B 365 45.72 7.50 19.47
C ARG B 365 46.68 8.69 19.62
N MET B 366 46.77 9.58 18.60
CA MET B 366 47.62 10.79 18.60
C MET B 366 47.02 11.97 19.36
N LEU B 367 45.75 11.88 19.77
CA LEU B 367 45.05 12.92 20.53
C LEU B 367 45.62 12.98 21.98
N PRO B 368 45.66 14.16 22.64
CA PRO B 368 46.18 14.20 24.02
C PRO B 368 45.12 13.92 25.08
N LYS C 2 24.36 -34.73 -11.31
CA LYS C 2 24.94 -33.54 -11.94
C LYS C 2 24.41 -32.23 -11.33
N LYS C 3 23.15 -32.24 -10.86
CA LYS C 3 22.51 -31.09 -10.22
C LYS C 3 22.55 -31.25 -8.69
N LYS C 4 22.89 -30.18 -7.96
CA LYS C 4 22.98 -30.19 -6.50
C LYS C 4 21.60 -29.93 -5.88
N VAL C 5 21.24 -30.73 -4.86
CA VAL C 5 19.96 -30.66 -4.16
C VAL C 5 20.23 -30.42 -2.67
N CYS C 6 19.71 -29.30 -2.12
CA CYS C 6 19.80 -28.99 -0.69
C CYS C 6 18.41 -29.19 -0.11
N TYR C 7 18.31 -29.85 1.03
CA TYR C 7 17.05 -30.27 1.64
C TYR C 7 16.94 -29.77 3.06
N TYR C 8 15.77 -29.17 3.39
CA TYR C 8 15.52 -28.54 4.68
C TYR C 8 14.56 -29.28 5.56
N TYR C 9 15.00 -29.57 6.81
CA TYR C 9 14.15 -30.32 7.73
C TYR C 9 14.60 -30.06 9.15
N ASP C 10 13.61 -29.90 10.04
CA ASP C 10 13.85 -29.80 11.47
C ASP C 10 13.07 -30.93 12.12
N GLY C 11 13.76 -31.75 12.92
CA GLY C 11 13.18 -32.88 13.63
C GLY C 11 11.99 -32.60 14.54
N ASP C 12 11.79 -31.32 14.94
CA ASP C 12 10.65 -30.94 15.78
C ASP C 12 9.34 -30.84 14.99
N ILE C 13 9.42 -30.63 13.65
CA ILE C 13 8.21 -30.40 12.84
C ILE C 13 7.07 -31.40 13.04
N GLY C 14 7.42 -32.69 13.11
CA GLY C 14 6.46 -33.78 13.29
C GLY C 14 5.73 -33.77 14.63
N ASN C 15 6.21 -32.97 15.59
CA ASN C 15 5.61 -32.90 16.92
C ASN C 15 4.45 -31.93 17.08
N TYR C 16 4.23 -31.03 16.09
CA TYR C 16 3.14 -30.08 16.17
C TYR C 16 1.82 -30.75 15.85
N TYR C 17 0.82 -30.47 16.66
CA TYR C 17 -0.48 -31.10 16.59
C TYR C 17 -1.60 -30.09 16.50
N TYR C 18 -2.36 -30.16 15.41
CA TYR C 18 -3.48 -29.26 15.16
C TYR C 18 -4.72 -29.49 16.04
N GLY C 19 -4.78 -30.63 16.73
CA GLY C 19 -5.93 -30.94 17.57
C GLY C 19 -6.65 -32.17 17.08
N GLN C 20 -7.46 -32.81 17.96
CA GLN C 20 -8.18 -34.02 17.59
C GLN C 20 -9.19 -33.80 16.47
N GLY C 21 -9.14 -34.68 15.48
CA GLY C 21 -10.04 -34.63 14.34
C GLY C 21 -9.59 -33.68 13.25
N HIS C 22 -8.52 -32.88 13.50
CA HIS C 22 -8.08 -31.96 12.43
C HIS C 22 -7.29 -32.76 11.37
N PRO C 23 -7.64 -32.64 10.07
CA PRO C 23 -6.94 -33.45 9.04
C PRO C 23 -5.49 -33.12 8.80
N MET C 24 -5.03 -31.90 9.17
CA MET C 24 -3.64 -31.56 8.97
C MET C 24 -2.76 -32.24 10.01
N LYS C 25 -1.88 -33.13 9.55
CA LYS C 25 -0.99 -33.91 10.43
C LYS C 25 0.50 -33.62 10.16
N PRO C 26 1.14 -32.67 10.87
CA PRO C 26 2.57 -32.40 10.63
C PRO C 26 3.50 -33.62 10.73
N HIS C 27 3.08 -34.70 11.43
CA HIS C 27 3.84 -35.97 11.53
CA HIS C 27 3.95 -35.86 11.50
C HIS C 27 4.12 -36.51 10.14
N ARG C 28 3.27 -36.16 9.16
CA ARG C 28 3.47 -36.65 7.77
C ARG C 28 4.85 -36.20 7.21
N ILE C 29 5.42 -35.07 7.72
CA ILE C 29 6.73 -34.61 7.24
C ILE C 29 7.82 -35.52 7.82
N ARG C 30 7.64 -35.98 9.07
CA ARG C 30 8.62 -36.87 9.72
C ARG C 30 8.57 -38.24 8.99
N MET C 31 7.36 -38.69 8.64
CA MET C 31 7.19 -39.95 7.88
C MET C 31 7.86 -39.86 6.54
N THR C 32 7.68 -38.70 5.84
CA THR C 32 8.32 -38.47 4.55
C THR C 32 9.83 -38.55 4.73
N HIS C 33 10.38 -37.83 5.73
CA HIS C 33 11.81 -37.75 6.00
C HIS C 33 12.40 -39.16 6.28
N ASN C 34 11.74 -39.89 7.17
CA ASN C 34 12.21 -41.22 7.54
C ASN C 34 12.23 -42.16 6.34
N LEU C 35 11.17 -42.11 5.50
CA LEU C 35 11.07 -42.97 4.31
C LEU C 35 12.21 -42.69 3.34
N LEU C 36 12.45 -41.39 3.02
CA LEU C 36 13.53 -41.02 2.13
C LEU C 36 14.95 -41.29 2.68
N LEU C 37 15.14 -41.24 4.01
CA LEU C 37 16.44 -41.57 4.65
C LEU C 37 16.69 -43.07 4.45
N ASN C 38 15.63 -43.89 4.60
CA ASN C 38 15.72 -45.35 4.42
C ASN C 38 15.98 -45.82 2.99
N TYR C 39 15.71 -44.94 2.00
CA TYR C 39 15.98 -45.19 0.58
C TYR C 39 17.43 -44.81 0.27
N GLY C 40 18.07 -44.13 1.21
CA GLY C 40 19.45 -43.69 1.11
C GLY C 40 19.65 -42.40 0.34
N LEU C 41 18.58 -41.60 0.19
CA LEU C 41 18.63 -40.32 -0.55
C LEU C 41 19.50 -39.27 0.11
N TYR C 42 19.73 -39.41 1.43
CA TYR C 42 20.62 -38.54 2.21
C TYR C 42 22.08 -38.63 1.71
N ARG C 43 22.43 -39.77 1.06
CA ARG C 43 23.79 -39.98 0.56
C ARG C 43 24.11 -39.07 -0.62
N LYS C 44 23.06 -38.60 -1.34
CA LYS C 44 23.16 -37.78 -2.56
C LYS C 44 22.78 -36.30 -2.35
N MET C 45 22.38 -35.87 -1.15
CA MET C 45 21.97 -34.47 -0.95
C MET C 45 22.41 -33.85 0.37
N GLU C 46 22.53 -32.52 0.38
CA GLU C 46 22.92 -31.78 1.58
C GLU C 46 21.67 -31.53 2.42
N ILE C 47 21.67 -32.02 3.66
CA ILE C 47 20.54 -31.88 4.57
C ILE C 47 20.84 -30.80 5.61
N TYR C 48 19.97 -29.77 5.70
CA TYR C 48 20.13 -28.65 6.63
C TYR C 48 18.98 -28.52 7.59
N ARG C 49 19.30 -28.09 8.83
CA ARG C 49 18.27 -27.82 9.84
C ARG C 49 18.07 -26.32 9.69
N PRO C 50 16.91 -25.87 9.20
CA PRO C 50 16.75 -24.43 8.94
C PRO C 50 16.62 -23.61 10.23
N HIS C 51 17.08 -22.36 10.14
CA HIS C 51 16.94 -21.43 11.26
CA HIS C 51 16.97 -21.35 11.19
C HIS C 51 15.47 -21.03 11.32
N LYS C 52 14.96 -20.76 12.52
CA LYS C 52 13.56 -20.34 12.64
C LYS C 52 13.45 -18.93 12.04
N ALA C 53 12.43 -18.70 11.21
CA ALA C 53 12.22 -17.39 10.60
C ALA C 53 11.81 -16.45 11.73
N THR C 54 12.36 -15.23 11.78
CA THR C 54 11.96 -14.32 12.86
C THR C 54 10.60 -13.68 12.60
N ALA C 55 10.00 -13.13 13.67
CA ALA C 55 8.75 -12.39 13.55
C ALA C 55 8.97 -11.22 12.59
N GLU C 56 10.16 -10.57 12.67
CA GLU C 56 10.49 -9.42 11.81
C GLU C 56 10.50 -9.87 10.34
N GLU C 57 11.12 -11.04 10.04
CA GLU C 57 11.15 -11.59 8.67
C GLU C 57 9.73 -11.76 8.17
N MET C 58 8.83 -12.27 9.02
CA MET C 58 7.43 -12.50 8.60
C MET C 58 6.73 -11.20 8.24
N THR C 59 7.11 -10.08 8.90
CA THR C 59 6.50 -8.77 8.63
C THR C 59 6.98 -8.13 7.35
N LYS C 60 7.85 -8.81 6.58
CA LYS C 60 8.18 -8.33 5.24
C LYS C 60 6.92 -8.43 4.38
N TYR C 61 5.98 -9.30 4.76
CA TYR C 61 4.71 -9.43 4.05
C TYR C 61 3.53 -9.28 4.99
N HIS C 62 3.49 -10.09 6.09
CA HIS C 62 2.34 -10.05 6.99
C HIS C 62 2.27 -8.79 7.81
N SER C 63 1.06 -8.42 8.24
CA SER C 63 0.94 -7.20 9.07
C SER C 63 1.53 -7.45 10.46
N ASP C 64 2.00 -6.38 11.11
CA ASP C 64 2.54 -6.53 12.45
C ASP C 64 1.52 -7.00 13.44
N GLU C 65 0.28 -6.47 13.36
CA GLU C 65 -0.78 -6.89 14.29
C GLU C 65 -1.10 -8.37 14.13
N TYR C 66 -1.06 -8.89 12.89
CA TYR C 66 -1.33 -10.31 12.70
C TYR C 66 -0.21 -11.18 13.26
N ILE C 67 1.08 -10.82 13.00
CA ILE C 67 2.20 -11.61 13.51
C ILE C 67 2.27 -11.52 15.03
N LYS C 68 2.01 -10.34 15.60
CA LYS C 68 2.01 -10.15 17.07
C LYS C 68 0.95 -11.06 17.68
N PHE C 69 -0.22 -11.14 17.02
CA PHE C 69 -1.30 -12.03 17.48
C PHE C 69 -0.82 -13.50 17.44
N LEU C 70 -0.23 -13.96 16.31
CA LEU C 70 0.22 -15.36 16.23
C LEU C 70 1.25 -15.70 17.29
N ARG C 71 2.09 -14.69 17.66
CA ARG C 71 3.15 -14.86 18.65
C ARG C 71 2.57 -14.94 20.06
N SER C 72 1.41 -14.29 20.25
CA SER C 72 0.77 -14.12 21.57
C SER C 72 -0.32 -15.11 21.92
N ILE C 73 -1.12 -15.51 20.94
CA ILE C 73 -2.26 -16.41 21.22
C ILE C 73 -1.82 -17.78 21.77
N ARG C 74 -2.58 -18.32 22.74
CA ARG C 74 -2.29 -19.63 23.33
C ARG C 74 -3.63 -20.33 23.60
N PRO C 75 -3.69 -21.67 23.64
CA PRO C 75 -4.98 -22.33 23.95
C PRO C 75 -5.65 -21.82 25.24
N ASP C 76 -4.87 -21.45 26.25
CA ASP C 76 -5.43 -20.98 27.53
C ASP C 76 -5.78 -19.49 27.64
N ASN C 77 -5.50 -18.68 26.59
CA ASN C 77 -5.81 -17.25 26.66
C ASN C 77 -6.78 -16.74 25.58
N MET C 78 -7.42 -17.66 24.83
CA MET C 78 -8.36 -17.28 23.75
C MET C 78 -9.48 -16.29 24.13
N SER C 79 -9.97 -16.32 25.39
CA SER C 79 -11.02 -15.39 25.87
C SER C 79 -10.58 -13.93 25.80
N GLU C 80 -9.28 -13.66 26.02
CA GLU C 80 -8.71 -12.32 25.96
C GLU C 80 -8.63 -11.83 24.50
N TYR C 81 -8.57 -12.76 23.52
CA TYR C 81 -8.37 -12.42 22.11
C TYR C 81 -9.55 -12.69 21.16
N SER C 82 -10.81 -12.77 21.64
CA SER C 82 -11.97 -13.08 20.79
C SER C 82 -12.12 -12.18 19.55
N LYS C 83 -11.94 -10.86 19.72
CA LYS C 83 -12.03 -9.90 18.62
C LYS C 83 -10.93 -10.15 17.60
N GLN C 84 -9.69 -10.39 18.07
CA GLN C 84 -8.51 -10.66 17.24
CA GLN C 84 -8.55 -10.64 17.19
C GLN C 84 -8.69 -11.98 16.48
N MET C 85 -9.29 -12.99 17.14
CA MET C 85 -9.52 -14.27 16.49
C MET C 85 -10.45 -14.11 15.28
N GLN C 86 -11.49 -13.28 15.42
CA GLN C 86 -12.43 -13.02 14.31
C GLN C 86 -11.70 -12.23 13.21
N ARG C 87 -10.92 -11.19 13.59
CA ARG C 87 -10.18 -10.36 12.62
C ARG C 87 -9.22 -11.19 11.80
N PHE C 88 -8.54 -12.12 12.46
CA PHE C 88 -7.48 -12.90 11.82
C PHE C 88 -7.86 -14.32 11.39
N ASN C 89 -9.15 -14.70 11.59
CA ASN C 89 -9.67 -16.01 11.16
C ASN C 89 -8.94 -17.18 11.83
N VAL C 90 -8.66 -17.02 13.14
CA VAL C 90 -7.96 -18.05 13.87
C VAL C 90 -8.92 -18.58 14.95
N GLY C 91 -8.98 -19.90 15.13
CA GLY C 91 -9.80 -20.48 16.19
C GLY C 91 -10.64 -21.67 15.81
N GLU C 92 -10.98 -21.78 14.51
CA GLU C 92 -11.81 -22.87 13.98
C GLU C 92 -10.97 -23.81 13.09
N ASP C 93 -11.08 -23.69 11.74
CA ASP C 93 -10.30 -24.49 10.78
C ASP C 93 -8.80 -24.22 10.84
N CYS C 94 -8.42 -23.04 11.37
CA CYS C 94 -7.03 -22.63 11.60
C CYS C 94 -6.96 -22.52 13.12
N PRO C 95 -6.85 -23.67 13.83
CA PRO C 95 -6.92 -23.62 15.30
C PRO C 95 -5.74 -22.98 16.01
N VAL C 96 -5.95 -22.71 17.31
CA VAL C 96 -4.88 -22.29 18.18
C VAL C 96 -4.37 -23.60 18.77
N PHE C 97 -3.09 -23.89 18.62
CA PHE C 97 -2.45 -25.06 19.19
C PHE C 97 -1.13 -24.68 19.83
N ASP C 98 -0.62 -25.53 20.77
CA ASP C 98 0.66 -25.29 21.44
C ASP C 98 1.79 -25.26 20.44
N GLY C 99 2.58 -24.19 20.48
CA GLY C 99 3.72 -24.06 19.60
C GLY C 99 3.40 -23.61 18.18
N LEU C 100 2.17 -23.10 17.97
CA LEU C 100 1.71 -22.58 16.67
C LEU C 100 2.75 -21.62 16.06
N PHE C 101 3.24 -20.65 16.87
CA PHE C 101 4.22 -19.71 16.32
C PHE C 101 5.50 -20.38 15.89
N GLU C 102 6.01 -21.34 16.68
CA GLU C 102 7.25 -22.03 16.30
C GLU C 102 7.03 -22.88 15.05
N PHE C 103 5.83 -23.44 14.89
CA PHE C 103 5.50 -24.20 13.67
C PHE C 103 5.61 -23.27 12.45
N CYS C 104 5.10 -22.04 12.58
CA CYS C 104 5.19 -21.01 11.52
C CYS C 104 6.65 -20.69 11.22
N GLN C 105 7.47 -20.54 12.28
CA GLN C 105 8.88 -20.21 12.11
C GLN C 105 9.70 -21.31 11.41
N LEU C 106 9.39 -22.58 11.70
CA LEU C 106 10.14 -23.70 11.11
C LEU C 106 9.72 -23.94 9.66
N SER C 107 8.41 -23.97 9.42
CA SER C 107 7.82 -24.09 8.06
C SER C 107 8.42 -22.97 7.16
N THR C 108 8.36 -21.70 7.65
CA THR C 108 8.89 -20.55 6.90
C THR C 108 10.40 -20.54 6.78
N GLY C 109 11.10 -20.84 7.89
CA GLY C 109 12.56 -20.86 7.92
C GLY C 109 13.14 -21.71 6.80
N GLY C 110 12.54 -22.88 6.55
CA GLY C 110 13.03 -23.77 5.50
C GLY C 110 12.88 -23.20 4.10
N SER C 111 11.72 -22.53 3.84
CA SER C 111 11.51 -21.96 2.51
C SER C 111 12.45 -20.78 2.24
N VAL C 112 12.60 -19.87 3.22
CA VAL C 112 13.47 -18.71 3.05
C VAL C 112 14.95 -19.17 2.96
N ALA C 113 15.37 -20.16 3.79
CA ALA C 113 16.76 -20.65 3.71
C ALA C 113 17.02 -21.27 2.34
N GLY C 114 16.01 -21.96 1.81
CA GLY C 114 16.10 -22.51 0.45
C GLY C 114 16.32 -21.40 -0.57
N ALA C 115 15.52 -20.31 -0.47
CA ALA C 115 15.67 -19.20 -1.41
C ALA C 115 17.05 -18.55 -1.30
N VAL C 116 17.57 -18.40 -0.08
CA VAL C 116 18.88 -17.79 0.14
C VAL C 116 19.96 -18.68 -0.54
N LYS C 117 19.86 -19.99 -0.35
CA LYS C 117 20.82 -20.94 -0.94
C LYS C 117 20.85 -20.85 -2.48
N LEU C 118 19.67 -20.65 -3.10
CA LEU C 118 19.53 -20.49 -4.56
C LEU C 118 20.09 -19.13 -4.99
N ASN C 119 19.80 -18.08 -4.20
CA ASN C 119 20.31 -16.74 -4.51
C ASN C 119 21.82 -16.70 -4.48
N ARG C 120 22.43 -17.40 -3.52
CA ARG C 120 23.88 -17.47 -3.35
C ARG C 120 24.53 -18.40 -4.39
N GLN C 121 23.71 -19.08 -5.23
CA GLN C 121 24.15 -20.00 -6.30
C GLN C 121 24.91 -21.19 -5.72
N GLN C 122 24.53 -21.59 -4.50
CA GLN C 122 25.18 -22.69 -3.79
C GLN C 122 24.43 -24.00 -3.98
N THR C 123 23.34 -23.99 -4.80
CA THR C 123 22.52 -25.16 -5.10
C THR C 123 21.70 -24.93 -6.36
N ASP C 124 21.30 -26.04 -7.01
CA ASP C 124 20.46 -26.00 -8.20
C ASP C 124 19.02 -26.12 -7.77
N MET C 125 18.76 -26.94 -6.73
CA MET C 125 17.44 -27.19 -6.14
C MET C 125 17.51 -27.11 -4.63
N ALA C 126 16.46 -26.53 -4.03
CA ALA C 126 16.26 -26.48 -2.59
C ALA C 126 14.87 -27.06 -2.34
N VAL C 127 14.75 -27.89 -1.29
CA VAL C 127 13.53 -28.63 -0.97
C VAL C 127 13.11 -28.36 0.47
N ASN C 128 11.83 -28.00 0.67
CA ASN C 128 11.28 -27.81 2.00
C ASN C 128 9.90 -28.39 2.03
N TRP C 129 9.79 -29.69 2.38
CA TRP C 129 8.48 -30.32 2.42
C TRP C 129 7.56 -29.77 3.51
N ALA C 130 8.12 -29.06 4.52
CA ALA C 130 7.34 -28.47 5.61
C ALA C 130 6.71 -27.13 5.17
N GLY C 131 7.05 -26.67 3.96
CA GLY C 131 6.53 -25.43 3.43
C GLY C 131 5.35 -25.60 2.49
N GLY C 132 5.03 -24.54 1.73
CA GLY C 132 3.93 -24.56 0.75
C GLY C 132 2.57 -24.14 1.30
N LEU C 133 2.57 -23.32 2.34
CA LEU C 133 1.33 -22.87 2.96
C LEU C 133 0.69 -21.73 2.16
N HIS C 134 0.19 -22.06 0.97
CA HIS C 134 -0.30 -21.07 0.02
C HIS C 134 -1.51 -20.26 0.36
N HIS C 135 -2.30 -20.65 1.37
CA HIS C 135 -3.55 -19.92 1.66
C HIS C 135 -3.35 -18.73 2.57
N ALA C 136 -2.23 -18.68 3.28
CA ALA C 136 -2.10 -17.59 4.26
C ALA C 136 -2.06 -16.23 3.58
N LYS C 137 -2.76 -15.26 4.18
CA LYS C 137 -2.86 -13.90 3.64
C LYS C 137 -2.14 -12.87 4.51
N LYS C 138 -2.07 -11.61 4.05
CA LYS C 138 -1.30 -10.60 4.78
C LYS C 138 -1.68 -10.54 6.25
N SER C 139 -2.99 -10.52 6.51
CA SER C 139 -3.51 -10.38 7.89
C SER C 139 -4.63 -11.37 8.18
N GLU C 140 -4.52 -12.60 7.67
CA GLU C 140 -5.57 -13.58 7.93
C GLU C 140 -4.99 -14.96 7.74
N ALA C 141 -5.36 -15.89 8.66
CA ALA C 141 -5.03 -17.29 8.49
C ALA C 141 -6.14 -17.85 7.59
N SER C 142 -5.82 -18.91 6.85
CA SER C 142 -6.85 -19.48 5.98
C SER C 142 -6.47 -20.92 5.62
N GLY C 143 -7.46 -21.81 5.54
CA GLY C 143 -7.23 -23.16 5.08
C GLY C 143 -6.07 -23.91 5.72
N PHE C 144 -5.94 -23.77 7.07
CA PHE C 144 -4.93 -24.40 7.92
C PHE C 144 -3.55 -23.74 7.88
N CYS C 145 -3.39 -22.65 7.07
CA CYS C 145 -2.15 -21.91 6.85
C CYS C 145 -2.18 -20.63 7.67
N TYR C 146 -1.05 -20.28 8.31
CA TYR C 146 -1.01 -19.03 9.08
C TYR C 146 -0.01 -18.02 8.50
N VAL C 147 1.20 -18.46 8.16
CA VAL C 147 2.25 -17.60 7.61
C VAL C 147 2.59 -18.14 6.24
N ASN C 148 2.58 -17.25 5.25
CA ASN C 148 2.82 -17.64 3.88
C ASN C 148 4.31 -17.71 3.57
N ASP C 149 4.87 -18.92 3.80
CA ASP C 149 6.28 -19.15 3.58
C ASP C 149 6.66 -18.96 2.11
N ILE C 150 5.68 -19.23 1.20
CA ILE C 150 5.96 -19.14 -0.23
C ILE C 150 6.20 -17.69 -0.61
N VAL C 151 5.28 -16.78 -0.21
CA VAL C 151 5.45 -15.37 -0.52
C VAL C 151 6.78 -14.85 0.05
N LEU C 152 7.09 -15.24 1.31
CA LEU C 152 8.35 -14.78 1.91
C LEU C 152 9.58 -15.31 1.19
N ALA C 153 9.53 -16.57 0.70
CA ALA C 153 10.66 -17.15 -0.05
C ALA C 153 10.78 -16.43 -1.40
N ILE C 154 9.61 -16.12 -2.02
CA ILE C 154 9.65 -15.42 -3.32
C ILE C 154 10.19 -14.00 -3.16
N LEU C 155 9.82 -13.27 -2.06
CA LEU C 155 10.38 -11.92 -1.84
C LEU C 155 11.90 -12.02 -1.75
N GLU C 156 12.41 -13.09 -1.12
CA GLU C 156 13.86 -13.28 -1.02
C GLU C 156 14.47 -13.54 -2.41
N LEU C 157 13.81 -14.38 -3.23
CA LEU C 157 14.34 -14.64 -4.59
C LEU C 157 14.34 -13.41 -5.46
N LEU C 158 13.37 -12.51 -5.25
CA LEU C 158 13.27 -11.29 -6.05
C LEU C 158 14.44 -10.33 -5.83
N LYS C 159 15.25 -10.54 -4.78
CA LYS C 159 16.41 -9.67 -4.60
C LYS C 159 17.47 -10.01 -5.66
N TYR C 160 17.45 -11.26 -6.20
CA TYR C 160 18.49 -11.70 -7.12
C TYR C 160 17.94 -12.13 -8.50
N HIS C 161 16.60 -12.19 -8.64
CA HIS C 161 15.92 -12.67 -9.83
C HIS C 161 14.91 -11.67 -10.30
N GLN C 162 15.03 -11.24 -11.58
CA GLN C 162 14.11 -10.27 -12.17
CA GLN C 162 14.10 -10.27 -12.17
C GLN C 162 12.71 -10.85 -12.28
N ARG C 163 12.61 -12.12 -12.69
CA ARG C 163 11.33 -12.79 -12.87
C ARG C 163 11.33 -14.13 -12.19
N VAL C 164 10.30 -14.38 -11.35
CA VAL C 164 10.17 -15.66 -10.65
C VAL C 164 8.86 -16.32 -11.08
N LEU C 165 8.89 -17.62 -11.44
CA LEU C 165 7.70 -18.34 -11.82
C LEU C 165 7.28 -19.23 -10.65
N TYR C 166 6.01 -19.14 -10.28
CA TYR C 166 5.42 -19.94 -9.22
C TYR C 166 4.41 -20.89 -9.88
N ILE C 167 4.56 -22.21 -9.64
CA ILE C 167 3.67 -23.25 -10.18
C ILE C 167 3.09 -23.99 -9.00
N ASP C 168 1.79 -24.24 -9.02
CA ASP C 168 1.09 -24.78 -7.87
C ASP C 168 0.19 -25.96 -8.24
N ILE C 169 0.62 -27.19 -7.84
CA ILE C 169 -0.11 -28.44 -8.18
C ILE C 169 -0.92 -29.00 -7.02
N ASP C 170 -1.04 -28.23 -5.92
CA ASP C 170 -1.95 -28.58 -4.85
C ASP C 170 -3.35 -28.62 -5.46
N ILE C 171 -4.26 -29.42 -4.89
CA ILE C 171 -5.63 -29.44 -5.44
C ILE C 171 -6.38 -28.10 -5.30
N HIS C 172 -5.98 -27.27 -4.33
CA HIS C 172 -6.65 -26.00 -4.08
C HIS C 172 -5.94 -24.85 -4.80
N HIS C 173 -6.71 -23.80 -5.07
CA HIS C 173 -6.16 -22.59 -5.68
C HIS C 173 -5.11 -21.99 -4.73
N GLY C 174 -3.97 -21.61 -5.30
CA GLY C 174 -2.87 -20.96 -4.59
C GLY C 174 -3.22 -19.49 -4.39
N ASP C 175 -4.29 -19.23 -3.66
CA ASP C 175 -4.84 -17.87 -3.50
C ASP C 175 -3.98 -16.86 -2.80
N GLY C 176 -3.34 -17.25 -1.69
CA GLY C 176 -2.52 -16.26 -0.97
C GLY C 176 -1.32 -15.79 -1.76
N VAL C 177 -0.71 -16.71 -2.53
CA VAL C 177 0.46 -16.39 -3.39
C VAL C 177 -0.01 -15.54 -4.57
N GLU C 178 -1.11 -15.99 -5.22
CA GLU C 178 -1.65 -15.21 -6.34
C GLU C 178 -1.96 -13.77 -5.91
N GLU C 179 -2.60 -13.59 -4.75
CA GLU C 179 -3.00 -12.28 -4.27
C GLU C 179 -1.79 -11.41 -3.98
N ALA C 180 -0.75 -11.98 -3.35
CA ALA C 180 0.46 -11.21 -3.01
C ALA C 180 1.08 -10.57 -4.25
N PHE C 181 1.07 -11.31 -5.38
CA PHE C 181 1.73 -10.88 -6.61
C PHE C 181 0.77 -10.52 -7.75
N TYR C 182 -0.52 -10.31 -7.43
CA TYR C 182 -1.52 -10.07 -8.45
C TYR C 182 -1.24 -8.87 -9.34
N THR C 183 -0.55 -7.86 -8.81
CA THR C 183 -0.32 -6.63 -9.62
C THR C 183 1.12 -6.47 -10.08
N THR C 184 1.93 -7.54 -10.01
CA THR C 184 3.29 -7.45 -10.54
C THR C 184 3.54 -8.43 -11.67
N ASP C 185 4.45 -8.05 -12.57
CA ASP C 185 4.92 -8.91 -13.66
C ASP C 185 6.23 -9.59 -13.25
N ARG C 186 6.73 -9.30 -12.04
CA ARG C 186 7.97 -9.89 -11.55
C ARG C 186 7.78 -11.27 -10.98
N VAL C 187 6.50 -11.67 -10.80
CA VAL C 187 6.17 -13.02 -10.37
C VAL C 187 4.97 -13.42 -11.20
N MET C 188 5.09 -14.54 -11.92
CA MET C 188 3.97 -15.11 -12.64
C MET C 188 3.48 -16.29 -11.79
N THR C 189 2.17 -16.34 -11.46
CA THR C 189 1.63 -17.45 -10.65
C THR C 189 0.78 -18.33 -11.55
N VAL C 190 1.00 -19.66 -11.51
CA VAL C 190 0.23 -20.59 -12.35
C VAL C 190 -0.33 -21.64 -11.41
N SER C 191 -1.66 -21.72 -11.28
CA SER C 191 -2.29 -22.70 -10.40
C SER C 191 -3.24 -23.59 -11.18
N PHE C 192 -3.11 -24.91 -10.93
CA PHE C 192 -4.00 -25.95 -11.44
C PHE C 192 -4.78 -26.43 -10.21
N HIS C 193 -6.12 -26.40 -10.27
CA HIS C 193 -6.88 -26.71 -9.06
C HIS C 193 -8.30 -27.06 -9.30
N LYS C 194 -8.92 -27.75 -8.35
CA LYS C 194 -10.34 -28.00 -8.40
C LYS C 194 -11.06 -26.64 -8.19
N TYR C 195 -12.10 -26.41 -8.99
CA TYR C 195 -12.86 -25.18 -8.96
C TYR C 195 -14.35 -25.50 -9.08
N GLY C 196 -15.16 -24.80 -8.30
CA GLY C 196 -16.60 -24.97 -8.28
C GLY C 196 -17.07 -25.61 -6.99
N GLU C 197 -17.79 -24.81 -6.17
CA GLU C 197 -18.30 -25.22 -4.84
C GLU C 197 -17.15 -25.89 -4.07
N TYR C 198 -15.97 -25.25 -4.11
CA TYR C 198 -14.77 -25.83 -3.49
C TYR C 198 -13.90 -24.73 -2.88
N PHE C 199 -13.23 -25.06 -1.77
CA PHE C 199 -12.34 -24.10 -1.10
C PHE C 199 -11.15 -23.75 -2.01
N PRO C 200 -10.66 -22.49 -2.02
CA PRO C 200 -11.15 -21.31 -1.31
C PRO C 200 -12.22 -20.51 -2.04
N GLY C 201 -12.57 -20.92 -3.27
CA GLY C 201 -13.63 -20.23 -4.03
C GLY C 201 -13.11 -19.34 -5.12
N THR C 202 -11.78 -19.17 -5.20
CA THR C 202 -11.11 -18.30 -6.17
C THR C 202 -10.38 -19.12 -7.24
N GLY C 203 -9.66 -18.44 -8.14
CA GLY C 203 -8.92 -19.13 -9.19
C GLY C 203 -9.78 -19.41 -10.41
N ASP C 204 -10.65 -18.47 -10.75
CA ASP C 204 -11.48 -18.58 -11.96
C ASP C 204 -10.58 -18.38 -13.17
N LEU C 205 -10.96 -18.97 -14.31
CA LEU C 205 -10.25 -18.80 -15.57
C LEU C 205 -10.02 -17.31 -15.89
N ARG C 206 -11.01 -16.48 -15.54
CA ARG C 206 -10.98 -15.04 -15.83
C ARG C 206 -10.03 -14.24 -14.94
N ASP C 207 -9.51 -14.85 -13.85
CA ASP C 207 -8.61 -14.14 -12.93
C ASP C 207 -7.21 -14.20 -13.52
N ILE C 208 -6.81 -13.11 -14.20
CA ILE C 208 -5.55 -13.06 -14.92
C ILE C 208 -4.56 -12.01 -14.40
N GLY C 209 -4.87 -11.39 -13.27
CA GLY C 209 -3.96 -10.36 -12.75
C GLY C 209 -4.48 -8.96 -13.04
N ALA C 210 -3.83 -7.94 -12.45
CA ALA C 210 -4.29 -6.54 -12.65
C ALA C 210 -3.09 -5.60 -12.75
N GLY C 211 -3.30 -4.42 -13.32
CA GLY C 211 -2.20 -3.48 -13.47
C GLY C 211 -1.09 -4.07 -14.30
N LYS C 212 0.17 -3.87 -13.88
CA LYS C 212 1.35 -4.44 -14.58
C LYS C 212 1.32 -5.97 -14.55
N GLY C 213 0.55 -6.53 -13.62
CA GLY C 213 0.43 -7.98 -13.47
C GLY C 213 -0.64 -8.59 -14.35
N LYS C 214 -1.32 -7.77 -15.18
CA LYS C 214 -2.37 -8.34 -16.06
C LYS C 214 -1.66 -9.29 -17.01
N TYR C 215 -2.18 -10.53 -17.07
CA TYR C 215 -1.68 -11.68 -17.82
C TYR C 215 -0.56 -12.43 -17.09
N TYR C 216 -0.24 -12.03 -15.84
CA TYR C 216 0.81 -12.72 -15.11
C TYR C 216 0.24 -13.57 -13.97
N ALA C 217 -1.07 -13.86 -14.02
CA ALA C 217 -1.71 -14.80 -13.07
C ALA C 217 -2.45 -15.75 -14.02
N VAL C 218 -2.23 -17.05 -13.83
CA VAL C 218 -2.78 -18.09 -14.70
C VAL C 218 -3.50 -19.10 -13.82
N ASN C 219 -4.76 -19.39 -14.16
CA ASN C 219 -5.59 -20.34 -13.42
C ASN C 219 -6.18 -21.35 -14.34
N PHE C 220 -6.02 -22.63 -14.01
CA PHE C 220 -6.60 -23.77 -14.78
C PHE C 220 -7.61 -24.45 -13.84
N PRO C 221 -8.87 -23.99 -13.85
CA PRO C 221 -9.89 -24.60 -12.99
C PRO C 221 -10.27 -26.00 -13.50
N MET C 222 -10.33 -26.98 -12.59
CA MET C 222 -10.66 -28.38 -12.94
C MET C 222 -11.87 -28.89 -12.19
N ARG C 223 -12.48 -29.96 -12.72
CA ARG C 223 -13.59 -30.64 -12.08
C ARG C 223 -13.03 -31.90 -11.37
N ASP C 224 -13.87 -32.65 -10.63
CA ASP C 224 -13.43 -33.85 -9.95
C ASP C 224 -12.84 -34.89 -10.88
N GLY C 225 -11.95 -35.73 -10.35
CA GLY C 225 -11.47 -36.93 -11.03
C GLY C 225 -10.40 -36.85 -12.09
N ILE C 226 -9.72 -35.70 -12.20
CA ILE C 226 -8.64 -35.62 -13.19
C ILE C 226 -7.63 -36.73 -12.95
N ASP C 227 -7.20 -37.37 -14.03
CA ASP C 227 -6.27 -38.49 -13.99
C ASP C 227 -4.92 -38.11 -14.55
N ASP C 228 -3.92 -39.00 -14.43
CA ASP C 228 -2.55 -38.75 -14.86
C ASP C 228 -2.43 -38.28 -16.30
N GLU C 229 -3.12 -38.99 -17.20
CA GLU C 229 -3.09 -38.69 -18.64
C GLU C 229 -3.67 -37.30 -18.96
N SER C 230 -4.86 -36.98 -18.43
CA SER C 230 -5.54 -35.70 -18.67
C SER C 230 -4.72 -34.53 -18.10
N TYR C 231 -4.23 -34.70 -16.88
CA TYR C 231 -3.45 -33.66 -16.19
C TYR C 231 -2.12 -33.44 -16.91
N GLY C 232 -1.43 -34.53 -17.26
CA GLY C 232 -0.14 -34.46 -17.93
C GLY C 232 -0.18 -33.81 -19.30
N GLN C 233 -1.28 -34.00 -20.05
CA GLN C 233 -1.41 -33.41 -21.40
C GLN C 233 -1.74 -31.92 -21.36
N ILE C 234 -2.11 -31.41 -20.18
CA ILE C 234 -2.32 -29.96 -20.08
C ILE C 234 -1.14 -29.27 -19.37
N PHE C 235 -0.54 -29.94 -18.38
CA PHE C 235 0.56 -29.40 -17.59
C PHE C 235 1.77 -29.09 -18.44
N LYS C 236 2.27 -30.09 -19.21
CA LYS C 236 3.44 -29.90 -20.06
C LYS C 236 3.27 -28.79 -21.11
N PRO C 237 2.21 -28.77 -21.97
CA PRO C 237 2.08 -27.65 -22.92
C PRO C 237 1.91 -26.29 -22.26
N ILE C 238 1.10 -26.20 -21.16
CA ILE C 238 0.91 -24.91 -20.46
C ILE C 238 2.25 -24.37 -19.90
N ILE C 239 2.99 -25.20 -19.14
CA ILE C 239 4.27 -24.80 -18.54
C ILE C 239 5.31 -24.47 -19.60
N SER C 240 5.40 -25.31 -20.66
CA SER C 240 6.31 -25.02 -21.77
C SER C 240 6.04 -23.65 -22.38
N LYS C 241 4.76 -23.30 -22.62
CA LYS C 241 4.38 -21.99 -23.19
C LYS C 241 4.70 -20.87 -22.17
N VAL C 242 4.43 -21.11 -20.88
CA VAL C 242 4.73 -20.13 -19.84
C VAL C 242 6.24 -19.83 -19.84
N MET C 243 7.07 -20.88 -19.90
CA MET C 243 8.53 -20.77 -19.90
C MET C 243 9.02 -19.98 -21.10
N GLU C 244 8.45 -20.26 -22.30
CA GLU C 244 8.80 -19.60 -23.54
C GLU C 244 8.50 -18.10 -23.49
N MET C 245 7.29 -17.75 -23.03
CA MET C 245 6.80 -16.39 -22.99
C MET C 245 7.35 -15.56 -21.83
N TYR C 246 7.46 -16.18 -20.64
CA TYR C 246 7.87 -15.47 -19.43
C TYR C 246 9.37 -15.42 -19.16
N GLN C 247 10.12 -16.48 -19.57
CA GLN C 247 11.57 -16.57 -19.41
C GLN C 247 12.00 -16.25 -17.95
N PRO C 248 11.50 -17.03 -16.97
CA PRO C 248 11.86 -16.74 -15.57
C PRO C 248 13.31 -17.11 -15.29
N SER C 249 13.92 -16.53 -14.23
CA SER C 249 15.28 -16.93 -13.89
C SER C 249 15.32 -17.84 -12.67
N ALA C 250 14.14 -18.03 -11.99
CA ALA C 250 13.97 -18.95 -10.87
C ALA C 250 12.54 -19.46 -10.82
N VAL C 251 12.34 -20.66 -10.25
CA VAL C 251 11.02 -21.28 -10.20
C VAL C 251 10.76 -21.77 -8.78
N VAL C 252 9.51 -21.62 -8.35
CA VAL C 252 9.02 -22.16 -7.08
C VAL C 252 7.90 -23.09 -7.44
N LEU C 253 8.03 -24.35 -7.01
CA LEU C 253 7.03 -25.36 -7.31
C LEU C 253 6.42 -25.87 -6.01
N GLN C 254 5.12 -25.55 -5.81
CA GLN C 254 4.37 -26.00 -4.65
C GLN C 254 3.83 -27.38 -5.05
N CYS C 255 4.20 -28.43 -4.29
CA CYS C 255 3.88 -29.84 -4.62
C CYS C 255 2.81 -30.43 -3.73
N GLY C 256 1.79 -29.64 -3.40
CA GLY C 256 0.71 -30.09 -2.53
C GLY C 256 0.20 -31.46 -2.99
N ALA C 257 0.22 -32.44 -2.08
CA ALA C 257 -0.12 -33.84 -2.40
C ALA C 257 -1.63 -34.18 -2.18
N ASP C 258 -2.50 -33.19 -1.92
CA ASP C 258 -3.93 -33.40 -1.81
C ASP C 258 -4.61 -33.58 -3.18
N SER C 259 -3.79 -33.48 -4.24
CA SER C 259 -4.24 -33.71 -5.64
C SER C 259 -4.05 -35.21 -5.99
N LEU C 260 -3.57 -36.02 -5.03
CA LEU C 260 -3.38 -37.47 -5.24
C LEU C 260 -4.69 -38.25 -5.09
N SER C 261 -4.81 -39.35 -5.88
CA SER C 261 -5.92 -40.26 -5.76
C SER C 261 -5.94 -40.76 -4.30
N GLY C 262 -7.15 -40.89 -3.74
CA GLY C 262 -7.41 -41.39 -2.40
C GLY C 262 -7.12 -40.40 -1.29
N ASP C 263 -6.93 -39.11 -1.62
CA ASP C 263 -6.71 -38.13 -0.54
C ASP C 263 -7.97 -38.02 0.32
N ARG C 264 -7.84 -37.92 1.67
CA ARG C 264 -9.00 -37.80 2.56
C ARG C 264 -9.89 -36.60 2.24
N LEU C 265 -9.28 -35.49 1.75
CA LEU C 265 -10.05 -34.28 1.45
C LEU C 265 -10.22 -34.01 -0.04
N GLY C 266 -9.22 -34.36 -0.83
CA GLY C 266 -9.21 -34.10 -2.26
C GLY C 266 -10.12 -34.99 -3.08
N CYS C 267 -10.42 -34.56 -4.32
CA CYS C 267 -11.32 -35.26 -5.26
C CYS C 267 -10.64 -35.49 -6.63
N PHE C 268 -9.28 -35.51 -6.66
CA PHE C 268 -8.52 -35.78 -7.89
C PHE C 268 -8.10 -37.25 -7.94
N ASN C 269 -7.61 -37.70 -9.10
CA ASN C 269 -7.26 -39.11 -9.29
C ASN C 269 -5.83 -39.29 -9.84
N LEU C 270 -4.88 -38.47 -9.36
CA LEU C 270 -3.49 -38.57 -9.78
C LEU C 270 -2.75 -39.66 -9.02
N THR C 271 -1.77 -40.31 -9.65
CA THR C 271 -0.92 -41.26 -8.93
C THR C 271 0.32 -40.47 -8.53
N VAL C 272 1.20 -41.10 -7.76
CA VAL C 272 2.48 -40.50 -7.39
C VAL C 272 3.30 -40.22 -8.66
N LYS C 273 3.26 -41.15 -9.66
CA LYS C 273 3.98 -40.91 -10.90
C LYS C 273 3.43 -39.72 -11.68
N GLY C 274 2.11 -39.59 -11.69
CA GLY C 274 1.39 -38.53 -12.39
C GLY C 274 1.68 -37.18 -11.78
N HIS C 275 1.71 -37.16 -10.43
CA HIS C 275 2.06 -35.94 -9.67
C HIS C 275 3.54 -35.55 -9.93
N ALA C 276 4.49 -36.53 -9.78
CA ALA C 276 5.92 -36.31 -9.98
C ALA C 276 6.32 -35.93 -11.42
N LYS C 277 5.46 -36.25 -12.41
CA LYS C 277 5.74 -35.86 -13.79
C LYS C 277 5.88 -34.33 -13.88
N CYS C 278 5.14 -33.61 -12.99
CA CYS C 278 5.23 -32.15 -12.91
C CYS C 278 6.62 -31.70 -12.49
N VAL C 279 7.24 -32.39 -11.53
CA VAL C 279 8.59 -32.07 -11.09
C VAL C 279 9.57 -32.36 -12.24
N GLU C 280 9.35 -33.48 -12.99
CA GLU C 280 10.24 -33.82 -14.11
C GLU C 280 10.19 -32.76 -15.18
N VAL C 281 8.97 -32.33 -15.57
CA VAL C 281 8.75 -31.30 -16.58
C VAL C 281 9.45 -30.00 -16.18
N VAL C 282 9.26 -29.54 -14.91
CA VAL C 282 9.88 -28.29 -14.48
C VAL C 282 11.44 -28.37 -14.52
N LYS C 283 12.00 -29.52 -14.11
CA LYS C 283 13.45 -29.75 -14.11
C LYS C 283 14.09 -29.61 -15.49
N THR C 284 13.36 -30.00 -16.58
CA THR C 284 13.87 -29.94 -17.96
C THR C 284 14.32 -28.54 -18.36
N PHE C 285 13.80 -27.49 -17.68
CA PHE C 285 14.14 -26.10 -18.01
C PHE C 285 15.46 -25.62 -17.41
N ASN C 286 16.08 -26.44 -16.53
CA ASN C 286 17.40 -26.16 -15.92
C ASN C 286 17.49 -24.81 -15.22
N LEU C 287 16.45 -24.48 -14.46
CA LEU C 287 16.42 -23.21 -13.73
C LEU C 287 16.50 -23.47 -12.23
N PRO C 288 17.09 -22.52 -11.47
CA PRO C 288 17.09 -22.63 -9.99
C PRO C 288 15.67 -22.92 -9.52
N LEU C 289 15.50 -23.95 -8.69
CA LEU C 289 14.19 -24.44 -8.32
C LEU C 289 14.00 -24.66 -6.84
N LEU C 290 12.93 -24.07 -6.28
CA LEU C 290 12.56 -24.28 -4.89
C LEU C 290 11.34 -25.17 -4.89
N MET C 291 11.48 -26.38 -4.33
CA MET C 291 10.38 -27.33 -4.26
C MET C 291 9.83 -27.32 -2.86
N LEU C 292 8.52 -27.08 -2.73
CA LEU C 292 7.84 -26.98 -1.46
C LEU C 292 6.71 -27.97 -1.31
N GLY C 293 6.32 -28.21 -0.07
CA GLY C 293 5.20 -29.08 0.24
C GLY C 293 3.87 -28.40 -0.01
N GLY C 294 2.87 -28.79 0.76
CA GLY C 294 1.53 -28.25 0.65
C GLY C 294 0.54 -29.16 1.33
N GLY C 295 -0.64 -29.26 0.78
CA GLY C 295 -1.71 -30.09 1.32
C GLY C 295 -1.36 -31.55 1.21
N GLY C 296 -2.23 -32.41 1.71
CA GLY C 296 -2.03 -33.86 1.65
C GLY C 296 -2.52 -34.48 2.93
N TYR C 297 -3.62 -35.26 2.85
CA TYR C 297 -4.36 -35.76 4.00
C TYR C 297 -4.37 -37.26 4.19
N THR C 298 -3.86 -38.02 3.20
CA THR C 298 -3.68 -39.48 3.33
C THR C 298 -2.18 -39.59 3.50
N ILE C 299 -1.75 -39.58 4.77
CA ILE C 299 -0.36 -39.42 5.15
C ILE C 299 0.64 -40.40 4.57
N ARG C 300 0.25 -41.69 4.41
CA ARG C 300 1.11 -42.69 3.77
C ARG C 300 1.39 -42.30 2.30
N ASN C 301 0.39 -41.72 1.61
CA ASN C 301 0.51 -41.27 0.22
C ASN C 301 1.33 -39.98 0.11
N VAL C 302 1.24 -39.08 1.11
CA VAL C 302 2.07 -37.88 1.16
C VAL C 302 3.53 -38.30 1.30
N ALA C 303 3.82 -39.26 2.23
CA ALA C 303 5.19 -39.74 2.40
C ALA C 303 5.72 -40.36 1.12
N ARG C 304 4.91 -41.18 0.45
CA ARG C 304 5.34 -41.80 -0.82
C ARG C 304 5.61 -40.72 -1.90
N CYS C 305 4.67 -39.78 -2.07
CA CYS C 305 4.76 -38.72 -3.08
C CYS C 305 6.02 -37.90 -2.96
N TRP C 306 6.26 -37.33 -1.76
CA TRP C 306 7.41 -36.48 -1.55
C TRP C 306 8.74 -37.22 -1.50
N THR C 307 8.71 -38.52 -1.11
CA THR C 307 9.93 -39.32 -1.21
C THR C 307 10.26 -39.50 -2.69
N TYR C 308 9.26 -39.87 -3.51
CA TYR C 308 9.50 -40.06 -4.95
C TYR C 308 9.95 -38.76 -5.62
N GLU C 309 9.38 -37.62 -5.20
CA GLU C 309 9.74 -36.33 -5.78
C GLU C 309 11.12 -35.86 -5.39
N THR C 310 11.62 -36.28 -4.20
CA THR C 310 13.00 -36.00 -3.80
C THR C 310 13.93 -36.85 -4.71
N ALA C 311 13.53 -38.11 -4.99
CA ALA C 311 14.30 -39.00 -5.85
C ALA C 311 14.34 -38.41 -7.28
N VAL C 312 13.22 -37.86 -7.74
CA VAL C 312 13.14 -37.21 -9.06
C VAL C 312 14.11 -36.02 -9.11
N ALA C 313 14.15 -35.18 -8.03
CA ALA C 313 15.06 -34.05 -7.94
C ALA C 313 16.53 -34.50 -8.07
N LEU C 314 16.88 -35.64 -7.45
CA LEU C 314 18.25 -36.18 -7.46
C LEU C 314 18.57 -37.00 -8.72
N ASP C 315 17.58 -37.22 -9.62
CA ASP C 315 17.72 -38.07 -10.83
C ASP C 315 18.17 -39.48 -10.38
N CYS C 316 17.54 -39.96 -9.30
CA CYS C 316 17.85 -41.21 -8.64
C CYS C 316 16.69 -42.17 -8.75
N GLU C 317 16.90 -43.30 -9.45
CA GLU C 317 15.88 -44.32 -9.56
C GLU C 317 15.79 -45.07 -8.23
N ILE C 318 14.57 -45.20 -7.70
CA ILE C 318 14.35 -45.88 -6.42
C ILE C 318 13.39 -47.06 -6.58
N PRO C 319 13.66 -48.21 -5.91
CA PRO C 319 12.78 -49.39 -6.06
C PRO C 319 11.36 -49.15 -5.61
N ASN C 320 10.41 -49.87 -6.23
CA ASN C 320 9.01 -49.80 -5.88
C ASN C 320 8.75 -50.46 -4.52
N GLU C 321 9.68 -51.33 -4.10
CA GLU C 321 9.60 -52.04 -2.82
C GLU C 321 10.12 -51.09 -1.77
N LEU C 322 9.26 -50.72 -0.82
CA LEU C 322 9.64 -49.79 0.23
C LEU C 322 10.73 -50.38 1.14
N PRO C 323 11.77 -49.59 1.50
CA PRO C 323 12.78 -50.11 2.45
C PRO C 323 12.16 -50.15 3.84
N TYR C 324 12.83 -50.84 4.78
CA TYR C 324 12.28 -50.87 6.12
C TYR C 324 12.38 -49.43 6.66
N ASN C 325 11.41 -49.00 7.48
CA ASN C 325 11.38 -47.65 8.05
C ASN C 325 10.57 -47.63 9.35
N ASP C 326 10.68 -46.51 10.12
CA ASP C 326 9.97 -46.33 11.40
C ASP C 326 8.46 -46.39 11.31
N TYR C 327 7.88 -46.27 10.10
CA TYR C 327 6.43 -46.27 9.88
C TYR C 327 6.04 -47.32 8.86
N PHE C 328 6.91 -48.35 8.68
CA PHE C 328 6.69 -49.42 7.72
C PHE C 328 5.24 -49.91 7.65
N GLU C 329 4.59 -50.13 8.82
CA GLU C 329 3.22 -50.63 8.90
C GLU C 329 2.17 -49.73 8.25
N TYR C 330 2.39 -48.40 8.29
CA TYR C 330 1.48 -47.40 7.69
C TYR C 330 1.33 -47.63 6.19
N PHE C 331 2.31 -48.29 5.57
CA PHE C 331 2.35 -48.53 4.12
C PHE C 331 1.71 -49.84 3.66
N GLY C 332 1.15 -50.59 4.61
CA GLY C 332 0.47 -51.85 4.33
C GLY C 332 -0.80 -51.67 3.54
N PRO C 333 -1.33 -52.73 2.91
CA PRO C 333 -0.86 -54.13 2.92
C PRO C 333 0.16 -54.48 1.83
N ASP C 334 0.33 -53.59 0.83
CA ASP C 334 1.20 -53.75 -0.34
C ASP C 334 2.68 -53.47 -0.07
N PHE C 335 2.98 -52.44 0.77
CA PHE C 335 4.33 -51.98 1.09
C PHE C 335 5.11 -51.53 -0.15
N LYS C 336 4.37 -50.91 -1.10
CA LYS C 336 4.93 -50.41 -2.35
C LYS C 336 4.96 -48.87 -2.33
N LEU C 337 5.85 -48.28 -3.12
CA LEU C 337 6.02 -46.82 -3.22
C LEU C 337 4.93 -46.20 -4.08
N HIS C 338 4.67 -46.80 -5.24
CA HIS C 338 3.67 -46.28 -6.17
C HIS C 338 2.27 -46.69 -5.84
N ILE C 339 1.28 -45.88 -6.24
CA ILE C 339 -0.13 -46.11 -5.96
C ILE C 339 -0.94 -46.29 -7.23
N SER C 340 -2.09 -46.93 -7.11
CA SER C 340 -2.98 -47.14 -8.24
C SER C 340 -4.08 -46.09 -8.21
N PRO C 341 -4.54 -45.59 -9.38
CA PRO C 341 -5.67 -44.65 -9.37
C PRO C 341 -6.95 -45.41 -8.98
N SER C 342 -8.00 -44.68 -8.64
CA SER C 342 -9.30 -45.27 -8.33
C SER C 342 -10.15 -45.30 -9.61
N ASN C 343 -11.37 -45.84 -9.54
CA ASN C 343 -12.29 -45.89 -10.70
C ASN C 343 -13.24 -44.67 -10.73
N MET C 344 -12.94 -43.63 -9.90
CA MET C 344 -13.76 -42.43 -9.87
C MET C 344 -13.86 -41.83 -11.29
N THR C 345 -15.00 -41.25 -11.60
CA THR C 345 -15.25 -40.66 -12.92
C THR C 345 -14.45 -39.37 -13.08
N ASN C 346 -13.79 -39.22 -14.25
CA ASN C 346 -13.07 -38.00 -14.60
C ASN C 346 -14.14 -37.05 -15.19
N GLN C 347 -14.51 -36.01 -14.42
CA GLN C 347 -15.55 -35.07 -14.84
C GLN C 347 -15.04 -33.98 -15.77
N ASN C 348 -13.74 -34.00 -16.07
CA ASN C 348 -13.11 -33.04 -16.98
C ASN C 348 -13.26 -33.66 -18.38
N THR C 349 -14.25 -33.22 -19.15
CA THR C 349 -14.42 -33.76 -20.51
C THR C 349 -13.32 -33.25 -21.43
N PRO C 350 -12.99 -33.97 -22.54
CA PRO C 350 -11.98 -33.42 -23.47
C PRO C 350 -12.34 -32.01 -23.98
N GLU C 351 -13.64 -31.71 -24.24
CA GLU C 351 -14.07 -30.41 -24.75
C GLU C 351 -13.77 -29.33 -23.69
N TYR C 352 -14.12 -29.62 -22.43
CA TYR C 352 -13.87 -28.68 -21.32
C TYR C 352 -12.38 -28.39 -21.22
N MET C 353 -11.53 -29.44 -21.23
CA MET C 353 -10.09 -29.24 -21.09
C MET C 353 -9.48 -28.46 -22.24
N GLU C 354 -9.95 -28.74 -23.47
CA GLU C 354 -9.43 -28.05 -24.65
C GLU C 354 -9.82 -26.57 -24.65
N LYS C 355 -11.05 -26.23 -24.23
CA LYS C 355 -11.53 -24.85 -24.16
C LYS C 355 -10.69 -24.06 -23.16
N ILE C 356 -10.42 -24.66 -21.97
CA ILE C 356 -9.60 -23.94 -20.96
C ILE C 356 -8.17 -23.76 -21.50
N LYS C 357 -7.58 -24.82 -22.04
CA LYS C 357 -6.23 -24.76 -22.59
C LYS C 357 -6.14 -23.68 -23.67
N GLN C 358 -7.16 -23.62 -24.56
CA GLN C 358 -7.16 -22.63 -25.64
C GLN C 358 -7.17 -21.21 -25.09
N ARG C 359 -8.02 -20.95 -24.07
CA ARG C 359 -8.08 -19.64 -23.44
C ARG C 359 -6.75 -19.28 -22.81
N LEU C 360 -6.12 -20.22 -22.10
CA LEU C 360 -4.84 -19.92 -21.45
C LEU C 360 -3.75 -19.63 -22.47
N PHE C 361 -3.73 -20.34 -23.60
CA PHE C 361 -2.74 -20.02 -24.62
C PHE C 361 -2.98 -18.64 -25.20
N GLU C 362 -4.24 -18.23 -25.35
CA GLU C 362 -4.61 -16.89 -25.87
C GLU C 362 -4.06 -15.83 -24.90
N ASN C 363 -4.22 -16.08 -23.58
CA ASN C 363 -3.73 -15.14 -22.56
C ASN C 363 -2.22 -15.07 -22.53
N LEU C 364 -1.53 -16.22 -22.72
CA LEU C 364 -0.07 -16.26 -22.73
C LEU C 364 0.49 -15.52 -23.95
N ARG C 365 -0.27 -15.49 -25.05
CA ARG C 365 0.16 -14.75 -26.26
C ARG C 365 0.13 -13.22 -26.06
N MET C 366 -0.60 -12.74 -25.03
CA MET C 366 -0.70 -11.31 -24.70
C MET C 366 0.53 -10.73 -23.97
N LEU C 367 1.48 -11.61 -23.52
CA LEU C 367 2.70 -11.20 -22.81
C LEU C 367 3.63 -10.36 -23.67
#